data_8G8W
#
_entry.id   8G8W
#
loop_
_entity.id
_entity.type
_entity.pdbx_description
1 polymer 'Mitochondrial brown fat uncoupling protein 1'
2 polymer 'Pro-macrobody 71, Maltose/maltodextrin-binding periplasmic protein chimera'
3 polymer 'Pro-Macrobody 65, Maltose/maltodextrin-binding periplasmic protein chimera'
4 branched alpha-D-glucopyranose-(1-4)-alpha-D-glucopyranose
5 non-polymer "GUANOSINE-5'-TRIPHOSPHATE"
6 non-polymer CARDIOLIPIN
#
loop_
_entity_poly.entity_id
_entity_poly.type
_entity_poly.pdbx_seq_one_letter_code
_entity_poly.pdbx_strand_id
1 'polypeptide(L)'
;TSEDGGLTASDVHPTLGVQLFSAGIAACLADVITFPLDTAKVRLQVQGECPTSSVIRYKGVLGTITAVVKTEGRMKLYSG
LPAGLQRQISSASLRIGLYDTVQEFLTAGKETAPSLGSKILAGLTTGGVAVFIGQPTEVVKVRLQAQSHLHGIKPRYTGT
YNAYRIIATTEGLTGLWKGTTPNLMRSVIINCTELVTYDLMKEAFVKNNILADDVPCHLVSALIAGFCATAMSSPVDVVK
TRFINSPPGQYKSVPNCAMKVFTNEGPTAFFKGLVPSFLRLGSWNVIMFVCFEQLKRELSKSRQTMDCAT
;
A
2 'polypeptide(L)'
;GPSQVQLVESGGGLVQAGDSLRLSCAASGLTLKNYAMGWFRQAPGKEHEFVAVISWSGSGTSYADSVEGRFTISRDNAKN
TAFLQMSSLKPEDTAVYYCAARDGGYGSRWPDEYTYWGQGTQVTVPPLVIWINGDKGYNGLAEVGKKFEKDTGIKVTVEH
PDKLEEKFPQVAATGDGPDIIFWAHDRFGGYAQSGLLAEITPDKAFQDKLYPFTWDAVRYNGKLIAYPIAVEALSLIYNK
DLLPNPPKTWEEIPALDKELKAKGKSALMFNLQEPYFTWPLIAADGGYAFKYENGKYDIKDVGVDNAGAKAGLTFLVDLI
KNKHMNADTDYSIAEAAFNKGETAMTINGPWAWSNIDTSKVNYGVTVLPTFKGQPSKPFVGVLSAGINAASPNKELAKEF
LENYLLTDEGLEAVNKDKPLGAVALKSYEEELAKDPRIAATMENAQKGEIMPNIPQMSAFWYAVRTAVINAASGRQTVDE
ALKDAQTPGS
;
B
3 'polypeptide(L)'
;GPSQVQLVESGGGLVQAGGSLRLSCAPSGRTSSTYTMGWFRQAPGKEREFVAAISWTGTPYYADSVKGRFTISRDNAKNT
VYLQMNSLKPEDTAVYYCAAARPGLFIFVSDYARTAKYDYWGQGTQVTVPPLVIWINGDKGYNGLAEVGKKFEKDTGIKV
TVEHPDKLEEKFPQVAATGDGPDIIFWAHDRFGGYAQSGLLAEITPDKAFQDKLYPFTWDAVRYNGKLIAYPIAVEALSL
IYNKDLLPNPPKTWEEIPALDKELKAKGKSALMFNLQEPYFTWPLIAADGGYAFKYENGKYDIKDVGVDNAGAKAGLTFL
VDLIKNKHMNADTDYSIAEAAFNKGETAMTINGPWAWSNIDTSKVNYGVTVLPTFKGQPSKPFVGVLSAGINAASPNKEL
AKEFLENYLLTDEGLEAVNKDKPLGAVALKSYEEELAKDPRIAATMENAQKGEIMPNIPQMSAFWYAVRTAVINAASGRQ
TVDEALKDAQTPGS
;
C
#
loop_
_chem_comp.id
_chem_comp.type
_chem_comp.name
_chem_comp.formula
CDL non-polymer CARDIOLIPIN 'C81 H156 O17 P2 -2'
GLC D-saccharide, alpha linking alpha-D-glucopyranose 'C6 H12 O6'
GTP non-polymer GUANOSINE-5'-TRIPHOSPHATE 'C10 H16 N5 O14 P3'
#
# COMPACT_ATOMS: atom_id res chain seq x y z
N HIS A 13 -17.74 31.45 36.77
CA HIS A 13 -18.44 30.84 35.65
C HIS A 13 -18.48 31.78 34.45
N PRO A 14 -17.78 31.42 33.38
CA PRO A 14 -17.77 32.27 32.18
C PRO A 14 -19.14 32.33 31.52
N THR A 15 -19.40 33.45 30.86
CA THR A 15 -20.66 33.62 30.16
C THR A 15 -20.67 32.78 28.88
N LEU A 16 -21.84 32.75 28.24
CA LEU A 16 -22.00 31.93 27.04
C LEU A 16 -21.13 32.42 25.90
N GLY A 17 -21.08 33.74 25.68
CA GLY A 17 -20.31 34.27 24.57
C GLY A 17 -18.83 33.97 24.68
N VAL A 18 -18.27 34.09 25.89
CA VAL A 18 -16.86 33.81 26.08
C VAL A 18 -16.56 32.35 25.78
N GLN A 19 -17.42 31.45 26.27
CA GLN A 19 -17.23 30.02 25.99
C GLN A 19 -17.29 29.74 24.50
N LEU A 20 -18.27 30.33 23.80
CA LEU A 20 -18.39 30.08 22.37
C LEU A 20 -17.19 30.61 21.61
N PHE A 21 -16.72 31.81 21.95
CA PHE A 21 -15.58 32.39 21.25
C PHE A 21 -14.32 31.57 21.49
N SER A 22 -14.09 31.16 22.74
CA SER A 22 -12.93 30.34 23.05
C SER A 22 -12.98 29.01 22.32
N ALA A 23 -14.16 28.39 22.29
CA ALA A 23 -14.31 27.12 21.60
C ALA A 23 -14.04 27.27 20.11
N GLY A 24 -14.55 28.34 19.51
CA GLY A 24 -14.30 28.57 18.09
C GLY A 24 -12.82 28.75 17.79
N ILE A 25 -12.14 29.57 18.58
CA ILE A 25 -10.72 29.82 18.34
C ILE A 25 -9.91 28.53 18.51
N ALA A 26 -10.19 27.77 19.58
CA ALA A 26 -9.47 26.53 19.82
C ALA A 26 -9.70 25.53 18.70
N ALA A 27 -10.96 25.41 18.24
CA ALA A 27 -11.27 24.49 17.16
C ALA A 27 -10.56 24.89 15.87
N CYS A 28 -10.55 26.19 15.56
CA CYS A 28 -9.87 26.65 14.36
C CYS A 28 -8.37 26.34 14.41
N LEU A 29 -7.74 26.62 15.55
CA LEU A 29 -6.31 26.33 15.67
C LEU A 29 -6.03 24.84 15.55
N ALA A 30 -6.84 24.01 16.21
CA ALA A 30 -6.63 22.57 16.15
C ALA A 30 -6.81 22.05 14.73
N ASP A 31 -7.79 22.58 14.00
CA ASP A 31 -8.00 22.15 12.62
C ASP A 31 -6.84 22.58 11.73
N VAL A 32 -6.30 23.79 11.96
CA VAL A 32 -5.17 24.25 11.16
C VAL A 32 -3.96 23.37 11.40
N ILE A 33 -3.76 22.92 12.64
CA ILE A 33 -2.54 22.20 12.98
C ILE A 33 -2.43 20.87 12.23
N THR A 34 -3.51 20.09 12.17
CA THR A 34 -3.44 18.68 11.80
C THR A 34 -4.36 18.35 10.63
N PHE A 35 -4.31 19.16 9.57
CA PHE A 35 -5.06 18.92 8.35
C PHE A 35 -4.47 17.83 7.45
N PRO A 36 -3.14 17.75 7.28
CA PRO A 36 -2.59 16.72 6.37
C PRO A 36 -2.99 15.30 6.72
N LEU A 37 -3.22 15.00 8.00
CA LEU A 37 -3.71 13.68 8.36
C LEU A 37 -5.08 13.42 7.74
N ASP A 38 -5.97 14.42 7.79
CA ASP A 38 -7.27 14.28 7.16
C ASP A 38 -7.14 14.14 5.65
N THR A 39 -6.22 14.90 5.04
CA THR A 39 -6.01 14.78 3.61
C THR A 39 -5.55 13.38 3.23
N ALA A 40 -4.62 12.82 4.01
CA ALA A 40 -4.14 11.46 3.73
C ALA A 40 -5.26 10.44 3.91
N LYS A 41 -6.08 10.61 4.93
CA LYS A 41 -7.19 9.67 5.14
C LYS A 41 -8.17 9.73 3.98
N VAL A 42 -8.50 10.93 3.50
CA VAL A 42 -9.42 11.07 2.38
C VAL A 42 -8.82 10.45 1.12
N ARG A 43 -7.52 10.68 0.89
CA ARG A 43 -6.87 10.10 -0.27
C ARG A 43 -6.89 8.57 -0.22
N LEU A 44 -6.64 7.99 0.96
CA LEU A 44 -6.62 6.54 1.08
C LEU A 44 -8.02 5.94 0.96
N GLN A 45 -9.04 6.67 1.40
CA GLN A 45 -10.39 6.11 1.44
C GLN A 45 -11.03 6.00 0.06
N VAL A 46 -10.63 6.83 -0.90
CA VAL A 46 -11.22 6.87 -2.23
C VAL A 46 -10.30 6.21 -3.26
N GLN A 47 -9.35 5.40 -2.80
CA GLN A 47 -8.35 4.82 -3.70
C GLN A 47 -8.99 3.92 -4.74
N GLY A 48 -9.94 3.07 -4.34
CA GLY A 48 -10.48 2.08 -5.25
C GLY A 48 -11.95 2.24 -5.55
N GLU A 49 -12.42 3.47 -5.74
CA GLU A 49 -13.82 3.69 -6.08
C GLU A 49 -14.15 3.12 -7.45
N CYS A 50 -13.25 3.27 -8.41
CA CYS A 50 -13.46 2.78 -9.77
C CYS A 50 -12.31 1.88 -10.18
N PRO A 51 -12.54 0.96 -11.13
CA PRO A 51 -11.46 0.08 -11.57
C PRO A 51 -10.29 0.87 -12.14
N THR A 52 -9.09 0.39 -11.87
CA THR A 52 -7.86 1.02 -12.34
C THR A 52 -6.81 -0.05 -12.52
N SER A 53 -5.55 0.38 -12.66
CA SER A 53 -4.45 -0.55 -12.82
C SER A 53 -4.19 -1.30 -11.51
N SER A 54 -3.57 -2.47 -11.64
CA SER A 54 -3.26 -3.30 -10.48
C SER A 54 -2.23 -2.66 -9.56
N VAL A 55 -1.51 -1.64 -10.01
CA VAL A 55 -0.53 -0.96 -9.18
C VAL A 55 -1.23 0.07 -8.31
N ILE A 56 -0.99 0.00 -7.00
CA ILE A 56 -1.57 0.93 -6.04
C ILE A 56 -0.55 2.02 -5.75
N ARG A 57 -0.93 3.27 -6.01
CA ARG A 57 -0.02 4.40 -5.87
C ARG A 57 0.14 4.88 -4.44
N TYR A 58 -0.81 4.59 -3.56
CA TYR A 58 -0.78 5.07 -2.18
C TYR A 58 -0.74 3.90 -1.23
N LYS A 59 0.23 3.93 -0.30
CA LYS A 59 0.36 2.89 0.72
C LYS A 59 1.17 3.46 1.86
N GLY A 60 0.57 3.51 3.05
CA GLY A 60 1.26 4.06 4.21
C GLY A 60 0.96 5.53 4.40
N VAL A 61 0.93 5.94 5.67
CA VAL A 61 0.62 7.32 6.03
C VAL A 61 1.75 8.23 5.54
N LEU A 62 2.96 7.98 6.03
CA LEU A 62 4.11 8.78 5.59
C LEU A 62 4.34 8.64 4.09
N GLY A 63 4.15 7.44 3.57
CA GLY A 63 4.27 7.21 2.14
C GLY A 63 3.28 8.01 1.33
N THR A 64 2.01 8.00 1.74
CA THR A 64 1.00 8.78 1.03
C THR A 64 1.31 10.26 1.10
N ILE A 65 1.69 10.75 2.27
CA ILE A 65 1.97 12.18 2.43
C ILE A 65 3.15 12.59 1.55
N THR A 66 4.22 11.79 1.56
CA THR A 66 5.40 12.15 0.79
C THR A 66 5.12 12.05 -0.71
N ALA A 67 4.32 11.07 -1.13
CA ALA A 67 3.95 10.97 -2.54
C ALA A 67 3.13 12.18 -2.98
N VAL A 68 2.19 12.61 -2.13
CA VAL A 68 1.36 13.76 -2.46
C VAL A 68 2.19 15.02 -2.58
N VAL A 69 3.12 15.24 -1.63
CA VAL A 69 3.89 16.47 -1.69
C VAL A 69 4.91 16.41 -2.83
N LYS A 70 5.43 15.24 -3.13
CA LYS A 70 6.44 15.09 -4.16
C LYS A 70 5.88 15.15 -5.57
N THR A 71 4.62 14.74 -5.78
CA THR A 71 4.03 14.70 -7.11
C THR A 71 3.10 15.87 -7.37
N GLU A 72 2.14 16.13 -6.50
CA GLU A 72 1.10 17.12 -6.75
C GLU A 72 1.37 18.46 -6.06
N GLY A 73 2.55 18.65 -5.48
CA GLY A 73 2.91 19.91 -4.88
C GLY A 73 2.77 19.90 -3.36
N ARG A 74 3.29 20.97 -2.75
CA ARG A 74 3.26 21.09 -1.29
C ARG A 74 1.95 21.69 -0.81
N MET A 75 1.29 22.50 -1.65
CA MET A 75 0.03 23.13 -1.28
C MET A 75 -1.17 22.23 -1.50
N LYS A 76 -0.98 21.03 -2.05
CA LYS A 76 -2.10 20.11 -2.22
C LYS A 76 -2.51 19.49 -0.89
N LEU A 77 -1.58 19.39 0.06
CA LEU A 77 -1.92 18.83 1.36
C LEU A 77 -2.98 19.65 2.07
N TYR A 78 -2.88 20.98 1.98
CA TYR A 78 -3.77 21.89 2.68
C TYR A 78 -4.87 22.44 1.77
N SER A 79 -5.35 21.64 0.82
CA SER A 79 -6.43 22.07 -0.06
C SER A 79 -7.75 22.05 0.69
N GLY A 80 -8.59 23.04 0.42
CA GLY A 80 -9.87 23.14 1.09
C GLY A 80 -9.81 23.60 2.52
N LEU A 81 -8.74 24.30 2.91
CA LEU A 81 -8.63 24.79 4.28
C LEU A 81 -9.74 25.77 4.67
N PRO A 82 -10.11 26.75 3.83
CA PRO A 82 -11.21 27.66 4.25
C PRO A 82 -12.52 26.94 4.57
N ALA A 83 -12.82 25.86 3.84
CA ALA A 83 -14.03 25.09 4.16
C ALA A 83 -13.93 24.50 5.56
N GLY A 84 -12.76 23.94 5.90
CA GLY A 84 -12.58 23.41 7.24
C GLY A 84 -12.70 24.49 8.31
N LEU A 85 -12.13 25.67 8.04
CA LEU A 85 -12.21 26.76 9.00
C LEU A 85 -13.65 27.21 9.21
N GLN A 86 -14.41 27.32 8.13
CA GLN A 86 -15.82 27.68 8.26
C GLN A 86 -16.60 26.62 9.02
N ARG A 87 -16.29 25.35 8.77
CA ARG A 87 -16.95 24.28 9.52
C ARG A 87 -16.65 24.38 11.01
N GLN A 88 -15.39 24.65 11.35
CA GLN A 88 -15.04 24.76 12.76
C GLN A 88 -15.71 25.97 13.40
N ILE A 89 -15.79 27.08 12.68
CA ILE A 89 -16.44 28.27 13.22
C ILE A 89 -17.93 28.02 13.45
N SER A 90 -18.60 27.40 12.49
CA SER A 90 -20.06 27.30 12.53
C SER A 90 -20.58 26.04 13.22
N SER A 91 -19.82 24.96 13.23
CA SER A 91 -20.30 23.69 13.78
C SER A 91 -19.66 23.33 15.12
N ALA A 92 -18.33 23.29 15.18
CA ALA A 92 -17.66 22.80 16.38
C ALA A 92 -17.94 23.68 17.59
N SER A 93 -17.90 25.01 17.41
CA SER A 93 -18.09 25.94 18.51
C SER A 93 -19.44 25.76 19.19
N LEU A 94 -20.51 25.74 18.38
CA LEU A 94 -21.83 25.50 18.93
C LEU A 94 -21.90 24.15 19.62
N ARG A 95 -21.30 23.12 19.01
CA ARG A 95 -21.34 21.79 19.61
C ARG A 95 -20.75 21.80 21.01
N ILE A 96 -19.52 22.29 21.15
CA ILE A 96 -18.81 22.17 22.44
C ILE A 96 -19.16 23.28 23.42
N GLY A 97 -19.96 24.27 23.03
CA GLY A 97 -20.52 25.17 24.03
C GLY A 97 -21.89 24.74 24.51
N LEU A 98 -22.79 24.50 23.55
CA LEU A 98 -24.12 24.06 23.89
C LEU A 98 -24.12 22.68 24.52
N TYR A 99 -23.06 21.89 24.34
CA TYR A 99 -22.96 20.63 25.06
C TYR A 99 -22.88 20.88 26.56
N ASP A 100 -21.98 21.78 26.97
CA ASP A 100 -21.86 22.10 28.39
C ASP A 100 -23.15 22.72 28.91
N THR A 101 -23.75 23.64 28.14
CA THR A 101 -24.97 24.28 28.61
C THR A 101 -26.11 23.27 28.78
N VAL A 102 -26.32 22.42 27.77
CA VAL A 102 -27.40 21.43 27.82
C VAL A 102 -27.12 20.41 28.91
N GLN A 103 -25.86 20.04 29.11
CA GLN A 103 -25.51 19.11 30.17
C GLN A 103 -25.87 19.70 31.54
N GLU A 104 -25.57 20.97 31.73
CA GLU A 104 -25.95 21.63 32.99
C GLU A 104 -27.47 21.67 33.13
N PHE A 105 -28.18 21.91 32.03
CA PHE A 105 -29.64 21.93 32.08
C PHE A 105 -30.20 20.56 32.47
N LEU A 106 -29.67 19.49 31.88
CA LEU A 106 -30.13 18.14 32.20
C LEU A 106 -29.83 17.80 33.65
N THR A 107 -28.63 18.14 34.13
CA THR A 107 -28.26 17.92 35.51
C THR A 107 -29.12 18.75 36.47
N ALA A 108 -29.70 19.84 35.99
CA ALA A 108 -30.60 20.70 36.76
C ALA A 108 -29.89 21.32 37.97
N GLY A 109 -28.86 22.10 37.66
CA GLY A 109 -28.16 22.87 38.67
C GLY A 109 -27.46 22.05 39.74
N LYS A 110 -26.70 21.03 39.30
CA LYS A 110 -25.94 20.17 40.20
C LYS A 110 -26.84 19.49 41.22
N GLU A 111 -28.09 19.21 40.83
CA GLU A 111 -29.00 18.51 41.72
C GLU A 111 -28.53 17.08 41.96
N THR A 112 -28.03 16.41 40.92
CA THR A 112 -27.52 15.05 41.04
C THR A 112 -26.24 14.92 40.24
N ALA A 113 -25.44 13.92 40.58
CA ALA A 113 -24.19 13.68 39.88
C ALA A 113 -24.48 13.32 38.43
N PRO A 114 -23.66 13.79 37.48
CA PRO A 114 -23.93 13.50 36.05
C PRO A 114 -23.86 12.02 35.74
N SER A 115 -25.00 11.42 35.39
CA SER A 115 -25.03 10.03 35.02
C SER A 115 -24.57 9.86 33.57
N LEU A 116 -24.29 8.60 33.21
CA LEU A 116 -23.85 8.31 31.85
C LEU A 116 -24.93 8.65 30.83
N GLY A 117 -26.18 8.35 31.15
CA GLY A 117 -27.26 8.58 30.21
C GLY A 117 -27.45 10.06 29.89
N SER A 118 -27.34 10.92 30.89
CA SER A 118 -27.51 12.34 30.67
C SER A 118 -26.44 12.88 29.73
N LYS A 119 -25.18 12.51 29.98
CA LYS A 119 -24.09 12.95 29.12
C LYS A 119 -24.27 12.43 27.70
N ILE A 120 -24.68 11.16 27.57
CA ILE A 120 -24.89 10.58 26.25
C ILE A 120 -25.98 11.34 25.50
N LEU A 121 -27.09 11.65 26.19
CA LEU A 121 -28.19 12.34 25.54
C LEU A 121 -27.80 13.76 25.12
N ALA A 122 -27.10 14.48 26.00
CA ALA A 122 -26.68 15.83 25.66
C ALA A 122 -25.71 15.82 24.49
N GLY A 123 -24.76 14.88 24.50
CA GLY A 123 -23.82 14.77 23.39
C GLY A 123 -24.51 14.44 22.08
N LEU A 124 -25.48 13.53 22.12
CA LEU A 124 -26.22 13.17 20.92
C LEU A 124 -26.99 14.36 20.36
N THR A 125 -27.66 15.11 21.25
CA THR A 125 -28.42 16.27 20.80
C THR A 125 -27.51 17.32 20.18
N THR A 126 -26.42 17.66 20.86
CA THR A 126 -25.53 18.69 20.32
C THR A 126 -24.85 18.22 19.04
N GLY A 127 -24.54 16.92 18.95
CA GLY A 127 -23.94 16.41 17.73
C GLY A 127 -24.89 16.46 16.55
N GLY A 128 -26.16 16.10 16.79
CA GLY A 128 -27.15 16.20 15.72
C GLY A 128 -27.33 17.63 15.26
N VAL A 129 -27.41 18.56 16.21
CA VAL A 129 -27.58 19.97 15.84
C VAL A 129 -26.37 20.48 15.07
N ALA A 130 -25.16 20.05 15.47
CA ALA A 130 -23.96 20.46 14.78
C ALA A 130 -23.87 19.86 13.38
N VAL A 131 -24.28 18.60 13.22
CA VAL A 131 -24.17 17.95 11.92
C VAL A 131 -25.19 18.54 10.94
N PHE A 132 -26.41 18.77 11.40
CA PHE A 132 -27.44 19.27 10.49
C PHE A 132 -27.08 20.64 9.93
N ILE A 133 -26.54 21.53 10.75
CA ILE A 133 -26.16 22.87 10.34
C ILE A 133 -24.65 22.89 10.17
N GLY A 134 -24.18 22.96 8.92
CA GLY A 134 -22.76 22.95 8.65
C GLY A 134 -22.31 21.75 7.85
N GLN A 135 -23.21 21.20 7.05
CA GLN A 135 -22.95 20.11 6.13
C GLN A 135 -22.27 20.56 4.83
N PRO A 136 -22.69 21.68 4.21
CA PRO A 136 -22.06 22.08 2.95
C PRO A 136 -20.56 22.25 3.03
N THR A 137 -20.05 22.75 4.16
CA THR A 137 -18.60 22.87 4.32
C THR A 137 -17.94 21.50 4.26
N GLU A 138 -18.54 20.50 4.91
CA GLU A 138 -18.00 19.14 4.84
C GLU A 138 -18.05 18.60 3.41
N VAL A 139 -19.15 18.85 2.70
CA VAL A 139 -19.27 18.35 1.33
C VAL A 139 -18.18 18.95 0.45
N VAL A 140 -18.00 20.27 0.53
CA VAL A 140 -17.01 20.94 -0.30
C VAL A 140 -15.61 20.51 0.10
N LYS A 141 -15.37 20.32 1.40
CA LYS A 141 -14.07 19.87 1.86
C LYS A 141 -13.72 18.50 1.29
N VAL A 142 -14.68 17.57 1.32
CA VAL A 142 -14.43 16.24 0.77
C VAL A 142 -14.20 16.32 -0.74
N ARG A 143 -15.02 17.10 -1.44
CA ARG A 143 -14.86 17.24 -2.88
C ARG A 143 -13.48 17.78 -3.24
N LEU A 144 -13.00 18.78 -2.50
CA LEU A 144 -11.70 19.36 -2.78
C LEU A 144 -10.56 18.42 -2.42
N GLN A 145 -10.67 17.72 -1.29
CA GLN A 145 -9.58 16.85 -0.85
C GLN A 145 -9.44 15.62 -1.76
N ALA A 146 -10.55 15.09 -2.25
CA ALA A 146 -10.48 13.85 -3.02
C ALA A 146 -10.04 14.05 -4.47
N GLN A 147 -10.09 15.28 -4.99
CA GLN A 147 -9.80 15.51 -6.39
C GLN A 147 -8.30 15.51 -6.66
N SER A 148 -7.93 15.08 -7.86
CA SER A 148 -6.54 15.03 -8.28
C SER A 148 -6.46 15.13 -9.80
N HIS A 149 -5.45 15.84 -10.29
CA HIS A 149 -5.32 16.05 -11.73
C HIS A 149 -4.80 14.82 -12.45
N LEU A 150 -3.87 14.08 -11.85
CA LEU A 150 -3.16 13.02 -12.57
C LEU A 150 -4.06 11.82 -12.85
N HIS A 151 -4.84 11.39 -11.86
CA HIS A 151 -5.66 10.20 -12.00
C HIS A 151 -7.07 10.48 -11.50
N GLY A 152 -8.03 9.80 -12.08
CA GLY A 152 -9.43 9.93 -11.70
C GLY A 152 -10.17 10.91 -12.57
N ILE A 153 -11.36 11.28 -12.09
CA ILE A 153 -12.22 12.20 -12.83
C ILE A 153 -11.54 13.57 -12.93
N LYS A 154 -11.85 14.29 -14.00
CA LYS A 154 -11.23 15.59 -14.24
C LYS A 154 -11.56 16.55 -13.10
N PRO A 155 -10.58 17.24 -12.54
CA PRO A 155 -10.86 18.25 -11.51
C PRO A 155 -11.79 19.33 -12.04
N ARG A 156 -12.87 19.57 -11.32
CA ARG A 156 -13.89 20.52 -11.73
C ARG A 156 -13.94 21.76 -10.87
N TYR A 157 -13.18 21.81 -9.78
CA TYR A 157 -13.20 22.92 -8.84
C TYR A 157 -11.86 23.62 -8.83
N THR A 158 -11.86 24.93 -8.61
CA THR A 158 -10.67 25.76 -8.63
C THR A 158 -10.55 26.55 -7.34
N GLY A 159 -10.77 25.90 -6.20
CA GLY A 159 -10.75 26.55 -4.91
C GLY A 159 -11.94 26.11 -4.09
N THR A 160 -12.26 26.90 -3.06
CA THR A 160 -13.39 26.60 -2.19
C THR A 160 -14.64 27.39 -2.55
N TYR A 161 -14.52 28.71 -2.72
CA TYR A 161 -15.69 29.51 -3.07
C TYR A 161 -16.20 29.16 -4.45
N ASN A 162 -15.29 28.87 -5.38
CA ASN A 162 -15.71 28.45 -6.72
C ASN A 162 -16.50 27.16 -6.66
N ALA A 163 -16.15 26.27 -5.72
CA ALA A 163 -16.95 25.06 -5.53
C ALA A 163 -18.36 25.39 -5.08
N TYR A 164 -18.49 26.34 -4.15
CA TYR A 164 -19.82 26.78 -3.72
C TYR A 164 -20.62 27.31 -4.90
N ARG A 165 -20.00 28.18 -5.72
CA ARG A 165 -20.72 28.77 -6.83
C ARG A 165 -21.13 27.70 -7.85
N ILE A 166 -20.23 26.76 -8.14
CA ILE A 166 -20.52 25.73 -9.12
C ILE A 166 -21.66 24.84 -8.64
N ILE A 167 -21.61 24.42 -7.38
CA ILE A 167 -22.66 23.53 -6.87
C ILE A 167 -24.00 24.27 -6.78
N ALA A 168 -23.97 25.55 -6.42
CA ALA A 168 -25.22 26.31 -6.36
C ALA A 168 -25.83 26.51 -7.73
N THR A 169 -25.01 26.84 -8.73
CA THR A 169 -25.54 27.14 -10.06
C THR A 169 -25.96 25.87 -10.79
N THR A 170 -25.15 24.82 -10.74
CA THR A 170 -25.42 23.63 -11.54
C THR A 170 -26.42 22.71 -10.85
N GLU A 171 -26.17 22.36 -9.59
CA GLU A 171 -27.01 21.42 -8.86
C GLU A 171 -28.15 22.12 -8.12
N GLY A 172 -27.85 23.19 -7.38
CA GLY A 172 -28.89 23.91 -6.68
C GLY A 172 -28.57 24.15 -5.22
N LEU A 173 -29.60 24.37 -4.41
CA LEU A 173 -29.44 24.60 -2.98
C LEU A 173 -29.86 23.40 -2.14
N THR A 174 -30.25 22.30 -2.79
CA THR A 174 -30.60 21.07 -2.09
C THR A 174 -29.59 19.96 -2.30
N GLY A 175 -28.70 20.09 -3.29
CA GLY A 175 -27.62 19.13 -3.47
C GLY A 175 -26.41 19.39 -2.62
N LEU A 176 -26.38 20.52 -1.92
CA LEU A 176 -25.26 20.82 -1.03
C LEU A 176 -25.30 19.95 0.23
N TRP A 177 -26.49 19.55 0.66
CA TRP A 177 -26.67 18.79 1.89
C TRP A 177 -26.62 17.28 1.65
N LYS A 178 -25.94 16.84 0.60
CA LYS A 178 -25.88 15.42 0.29
C LYS A 178 -25.16 14.65 1.38
N GLY A 179 -25.69 13.48 1.73
CA GLY A 179 -25.06 12.61 2.70
C GLY A 179 -25.06 13.10 4.14
N THR A 180 -26.18 13.66 4.63
CA THR A 180 -26.24 14.08 6.02
C THR A 180 -26.48 12.90 6.96
N THR A 181 -27.25 11.91 6.51
CA THR A 181 -27.54 10.75 7.35
C THR A 181 -26.30 9.94 7.71
N PRO A 182 -25.35 9.69 6.80
CA PRO A 182 -24.12 9.03 7.24
C PRO A 182 -23.38 9.84 8.30
N ASN A 183 -23.39 11.17 8.19
CA ASN A 183 -22.75 12.00 9.20
C ASN A 183 -23.44 11.85 10.55
N LEU A 184 -24.77 11.83 10.55
CA LEU A 184 -25.50 11.64 11.80
C LEU A 184 -25.16 10.30 12.43
N MET A 185 -25.15 9.24 11.61
CA MET A 185 -24.83 7.91 12.14
C MET A 185 -23.43 7.87 12.71
N ARG A 186 -22.47 8.46 11.99
CA ARG A 186 -21.08 8.48 12.45
C ARG A 186 -20.96 9.22 13.78
N SER A 187 -21.61 10.37 13.90
CA SER A 187 -21.54 11.14 15.14
C SER A 187 -22.12 10.36 16.31
N VAL A 188 -23.31 9.78 16.11
CA VAL A 188 -23.95 9.04 17.20
C VAL A 188 -23.06 7.88 17.64
N ILE A 189 -22.56 7.11 16.67
CA ILE A 189 -21.75 5.94 17.01
C ILE A 189 -20.49 6.35 17.74
N ILE A 190 -19.79 7.38 17.23
CA ILE A 190 -18.51 7.77 17.81
C ILE A 190 -18.71 8.26 19.23
N ASN A 191 -19.78 9.05 19.46
CA ASN A 191 -20.02 9.60 20.79
C ASN A 191 -20.35 8.50 21.79
N CYS A 192 -21.29 7.63 21.44
CA CYS A 192 -21.70 6.58 22.37
C CYS A 192 -20.55 5.64 22.67
N THR A 193 -19.80 5.23 21.65
CA THR A 193 -18.69 4.32 21.85
C THR A 193 -17.62 4.94 22.73
N GLU A 194 -17.27 6.20 22.46
CA GLU A 194 -16.28 6.88 23.28
C GLU A 194 -16.68 6.88 24.75
N LEU A 195 -17.90 7.33 25.03
CA LEU A 195 -18.31 7.45 26.43
C LEU A 195 -18.32 6.09 27.13
N VAL A 196 -18.98 5.11 26.51
CA VAL A 196 -19.15 3.80 27.17
C VAL A 196 -17.80 3.13 27.37
N THR A 197 -16.96 3.13 26.33
CA THR A 197 -15.67 2.45 26.43
C THR A 197 -14.78 3.12 27.47
N TYR A 198 -14.75 4.45 27.50
CA TYR A 198 -13.91 5.13 28.48
C TYR A 198 -14.37 4.81 29.90
N ASP A 199 -15.68 4.86 30.13
CA ASP A 199 -16.19 4.60 31.47
C ASP A 199 -15.84 3.18 31.92
N LEU A 200 -16.08 2.20 31.04
CA LEU A 200 -15.83 0.81 31.42
C LEU A 200 -14.34 0.57 31.66
N MET A 201 -13.47 1.13 30.79
CA MET A 201 -12.04 0.92 30.95
C MET A 201 -11.53 1.54 32.24
N LYS A 202 -11.95 2.77 32.54
CA LYS A 202 -11.51 3.40 33.78
C LYS A 202 -11.99 2.62 34.99
N GLU A 203 -13.25 2.17 34.96
CA GLU A 203 -13.79 1.43 36.10
C GLU A 203 -13.01 0.13 36.33
N ALA A 204 -12.73 -0.61 35.25
CA ALA A 204 -12.01 -1.87 35.40
C ALA A 204 -10.58 -1.62 35.88
N PHE A 205 -9.91 -0.61 35.33
CA PHE A 205 -8.53 -0.34 35.72
C PHE A 205 -8.44 0.07 37.19
N VAL A 206 -9.39 0.88 37.65
CA VAL A 206 -9.38 1.27 39.06
C VAL A 206 -9.72 0.08 39.96
N LYS A 207 -10.69 -0.74 39.54
CA LYS A 207 -11.12 -1.86 40.37
C LYS A 207 -10.00 -2.89 40.55
N ASN A 208 -9.28 -3.19 39.48
CA ASN A 208 -8.18 -4.16 39.59
C ASN A 208 -6.88 -3.51 40.06
N ASN A 209 -6.88 -2.21 40.34
CA ASN A 209 -5.74 -1.43 40.82
C ASN A 209 -4.44 -1.80 40.12
N ILE A 210 -4.50 -2.03 38.80
CA ILE A 210 -3.29 -2.26 38.04
C ILE A 210 -2.49 -0.96 37.92
N LEU A 211 -3.19 0.16 37.72
CA LEU A 211 -2.56 1.46 37.61
C LEU A 211 -3.13 2.36 38.71
N ALA A 212 -2.34 3.37 39.08
CA ALA A 212 -2.78 4.31 40.10
C ALA A 212 -3.93 5.16 39.58
N ASP A 213 -4.79 5.59 40.51
CA ASP A 213 -5.96 6.39 40.16
C ASP A 213 -5.58 7.86 39.98
N ASP A 214 -4.73 8.10 38.98
CA ASP A 214 -4.30 9.45 38.64
C ASP A 214 -4.49 9.71 37.15
N VAL A 215 -3.93 10.82 36.66
CA VAL A 215 -4.16 11.19 35.25
C VAL A 215 -3.55 10.21 34.26
N PRO A 216 -2.47 9.46 34.56
CA PRO A 216 -2.03 8.46 33.58
C PRO A 216 -3.09 7.41 33.25
N CYS A 217 -3.79 6.91 34.27
CA CYS A 217 -4.84 5.92 34.02
C CYS A 217 -5.97 6.51 33.20
N HIS A 218 -6.38 7.74 33.53
CA HIS A 218 -7.44 8.40 32.77
C HIS A 218 -7.02 8.59 31.32
N LEU A 219 -5.78 9.02 31.10
CA LEU A 219 -5.29 9.25 29.75
C LEU A 219 -5.24 7.95 28.95
N VAL A 220 -4.77 6.87 29.58
CA VAL A 220 -4.70 5.59 28.88
C VAL A 220 -6.09 5.09 28.52
N SER A 221 -7.04 5.21 29.46
CA SER A 221 -8.40 4.79 29.18
C SER A 221 -9.02 5.63 28.07
N ALA A 222 -8.76 6.94 28.08
CA ALA A 222 -9.28 7.81 27.03
C ALA A 222 -8.71 7.44 25.67
N LEU A 223 -7.41 7.14 25.61
CA LEU A 223 -6.81 6.74 24.34
C LEU A 223 -7.40 5.42 23.84
N ILE A 224 -7.59 4.46 24.74
CA ILE A 224 -8.18 3.18 24.34
C ILE A 224 -9.59 3.38 23.82
N ALA A 225 -10.38 4.21 24.51
CA ALA A 225 -11.74 4.48 24.07
C ALA A 225 -11.76 5.16 22.71
N GLY A 226 -10.85 6.12 22.51
CA GLY A 226 -10.78 6.79 21.22
C GLY A 226 -10.42 5.84 20.09
N PHE A 227 -9.46 4.95 20.35
CA PHE A 227 -9.09 3.97 19.32
C PHE A 227 -10.26 3.04 19.00
N CYS A 228 -10.97 2.56 20.03
CA CYS A 228 -12.11 1.69 19.79
C CYS A 228 -13.20 2.41 19.00
N ALA A 229 -13.46 3.67 19.34
CA ALA A 229 -14.48 4.44 18.64
C ALA A 229 -14.09 4.66 17.18
N THR A 230 -12.82 4.97 16.93
CA THR A 230 -12.36 5.14 15.55
C THR A 230 -12.50 3.85 14.77
N ALA A 231 -12.12 2.72 15.39
CA ALA A 231 -12.25 1.43 14.74
C ALA A 231 -13.70 1.08 14.41
N MET A 232 -14.63 1.38 15.30
CA MET A 232 -16.05 1.14 15.04
C MET A 232 -16.62 2.08 13.98
N SER A 233 -16.21 3.34 13.97
CA SER A 233 -16.81 4.31 13.06
C SER A 233 -16.14 4.34 11.69
N SER A 234 -15.01 3.65 11.52
CA SER A 234 -14.31 3.71 10.23
C SER A 234 -15.17 3.24 9.06
N PRO A 235 -15.92 2.14 9.13
CA PRO A 235 -16.71 1.74 7.95
C PRO A 235 -17.72 2.78 7.48
N VAL A 236 -18.45 3.39 8.41
CA VAL A 236 -19.44 4.40 8.03
C VAL A 236 -18.73 5.61 7.44
N ASP A 237 -17.56 5.95 7.96
CA ASP A 237 -16.77 7.03 7.38
C ASP A 237 -16.35 6.71 5.96
N VAL A 238 -15.96 5.46 5.70
CA VAL A 238 -15.58 5.05 4.36
C VAL A 238 -16.77 5.20 3.41
N VAL A 239 -17.94 4.73 3.85
CA VAL A 239 -19.13 4.82 3.01
C VAL A 239 -19.50 6.28 2.75
N LYS A 240 -19.39 7.12 3.79
CA LYS A 240 -19.71 8.54 3.64
C LYS A 240 -18.77 9.22 2.66
N THR A 241 -17.47 8.91 2.75
CA THR A 241 -16.51 9.52 1.84
C THR A 241 -16.76 9.08 0.40
N ARG A 242 -17.04 7.78 0.21
CA ARG A 242 -17.29 7.30 -1.14
C ARG A 242 -18.61 7.81 -1.71
N PHE A 243 -19.59 8.11 -0.86
CA PHE A 243 -20.87 8.60 -1.36
C PHE A 243 -20.86 10.10 -1.62
N ILE A 244 -20.23 10.89 -0.75
CA ILE A 244 -20.22 12.33 -0.94
C ILE A 244 -19.43 12.71 -2.18
N ASN A 245 -18.27 12.08 -2.39
CA ASN A 245 -17.45 12.32 -3.57
C ASN A 245 -17.90 11.36 -4.67
N SER A 246 -18.97 11.76 -5.36
CA SER A 246 -19.52 10.96 -6.44
C SER A 246 -20.34 11.85 -7.37
N PRO A 247 -20.08 11.81 -8.68
CA PRO A 247 -20.86 12.63 -9.62
C PRO A 247 -22.32 12.24 -9.57
N PRO A 248 -23.23 13.21 -9.71
CA PRO A 248 -24.67 12.88 -9.66
C PRO A 248 -25.06 11.91 -10.77
N GLY A 249 -25.99 11.01 -10.44
CA GLY A 249 -26.45 10.01 -11.37
C GLY A 249 -25.67 8.71 -11.38
N GLN A 250 -24.60 8.60 -10.59
CA GLN A 250 -23.81 7.39 -10.55
C GLN A 250 -24.27 6.44 -9.45
N TYR A 251 -24.48 6.96 -8.24
CA TYR A 251 -24.89 6.16 -7.09
C TYR A 251 -26.36 6.42 -6.81
N LYS A 252 -27.13 5.34 -6.66
CA LYS A 252 -28.56 5.46 -6.38
C LYS A 252 -28.80 5.92 -4.95
N SER A 253 -28.26 5.18 -3.98
CA SER A 253 -28.41 5.53 -2.58
C SER A 253 -27.25 4.92 -1.80
N VAL A 254 -27.22 5.22 -0.50
CA VAL A 254 -26.11 4.75 0.35
C VAL A 254 -26.05 3.23 0.41
N PRO A 255 -27.15 2.49 0.62
CA PRO A 255 -27.03 1.02 0.62
C PRO A 255 -26.49 0.46 -0.69
N ASN A 256 -26.82 1.08 -1.82
CA ASN A 256 -26.27 0.63 -3.09
C ASN A 256 -24.75 0.77 -3.10
N CYS A 257 -24.25 1.90 -2.59
CA CYS A 257 -22.81 2.10 -2.49
C CYS A 257 -22.18 1.07 -1.57
N ALA A 258 -22.83 0.77 -0.44
CA ALA A 258 -22.30 -0.23 0.48
C ALA A 258 -22.21 -1.60 -0.18
N MET A 259 -23.26 -1.99 -0.90
CA MET A 259 -23.26 -3.29 -1.57
C MET A 259 -22.19 -3.34 -2.66
N LYS A 260 -22.02 -2.25 -3.41
CA LYS A 260 -20.99 -2.22 -4.44
C LYS A 260 -19.60 -2.34 -3.82
N VAL A 261 -19.36 -1.63 -2.72
CA VAL A 261 -18.06 -1.71 -2.06
C VAL A 261 -17.81 -3.12 -1.55
N PHE A 262 -18.82 -3.74 -0.96
CA PHE A 262 -18.65 -5.10 -0.43
C PHE A 262 -18.38 -6.10 -1.55
N THR A 263 -19.09 -5.98 -2.67
CA THR A 263 -18.95 -6.96 -3.73
C THR A 263 -17.64 -6.77 -4.49
N ASN A 264 -17.27 -5.53 -4.81
CA ASN A 264 -16.11 -5.28 -5.66
C ASN A 264 -14.81 -5.63 -4.94
N GLU A 265 -14.66 -5.19 -3.70
CA GLU A 265 -13.40 -5.35 -2.98
C GLU A 265 -13.48 -6.35 -1.84
N GLY A 266 -14.46 -6.23 -0.96
CA GLY A 266 -14.60 -7.15 0.15
C GLY A 266 -14.70 -6.44 1.49
N PRO A 267 -14.91 -7.21 2.56
CA PRO A 267 -15.04 -6.59 3.89
C PRO A 267 -13.80 -5.83 4.34
N THR A 268 -12.61 -6.29 3.96
CA THR A 268 -11.38 -5.64 4.41
C THR A 268 -11.32 -4.19 3.92
N ALA A 269 -11.88 -3.91 2.74
CA ALA A 269 -11.89 -2.54 2.24
C ALA A 269 -12.72 -1.61 3.11
N PHE A 270 -13.60 -2.15 3.96
CA PHE A 270 -14.38 -1.30 4.86
C PHE A 270 -13.53 -0.62 5.91
N PHE A 271 -12.29 -1.08 6.13
CA PHE A 271 -11.38 -0.50 7.12
C PHE A 271 -10.18 0.06 6.37
N LYS A 272 -10.29 1.31 5.92
CA LYS A 272 -9.25 1.97 5.17
C LYS A 272 -8.87 3.27 5.85
N GLY A 273 -7.56 3.54 5.92
CA GLY A 273 -7.08 4.75 6.55
C GLY A 273 -7.42 4.85 8.03
N LEU A 274 -7.38 3.73 8.75
CA LEU A 274 -7.73 3.74 10.16
C LEU A 274 -6.71 4.52 10.98
N VAL A 275 -5.42 4.31 10.71
CA VAL A 275 -4.35 4.94 11.46
C VAL A 275 -4.38 6.46 11.31
N PRO A 276 -4.45 7.02 10.09
CA PRO A 276 -4.53 8.48 10.00
C PRO A 276 -5.76 9.06 10.67
N SER A 277 -6.90 8.39 10.57
CA SER A 277 -8.11 8.88 11.21
C SER A 277 -7.96 8.90 12.73
N PHE A 278 -7.42 7.83 13.29
CA PHE A 278 -7.21 7.78 14.73
C PHE A 278 -6.21 8.84 15.19
N LEU A 279 -5.12 9.02 14.43
CA LEU A 279 -4.15 10.04 14.78
C LEU A 279 -4.77 11.43 14.76
N ARG A 280 -5.56 11.73 13.73
CA ARG A 280 -6.21 13.02 13.64
C ARG A 280 -7.17 13.22 14.80
N LEU A 281 -7.95 12.19 15.13
CA LEU A 281 -8.89 12.28 16.25
C LEU A 281 -8.17 12.62 17.54
N GLY A 282 -7.14 11.85 17.87
CA GLY A 282 -6.41 12.07 19.11
C GLY A 282 -5.76 13.43 19.17
N SER A 283 -5.04 13.81 18.11
CA SER A 283 -4.34 15.08 18.10
C SER A 283 -5.30 16.25 18.19
N TRP A 284 -6.37 16.21 17.39
CA TRP A 284 -7.34 17.30 17.39
C TRP A 284 -8.00 17.44 18.75
N ASN A 285 -8.41 16.32 19.34
CA ASN A 285 -9.06 16.39 20.64
C ASN A 285 -8.13 16.96 21.70
N VAL A 286 -6.88 16.49 21.73
CA VAL A 286 -5.95 16.96 22.75
C VAL A 286 -5.69 18.46 22.59
N ILE A 287 -5.36 18.89 21.37
CA ILE A 287 -5.03 20.29 21.15
C ILE A 287 -6.23 21.18 21.43
N MET A 288 -7.42 20.77 20.96
CA MET A 288 -8.62 21.56 21.20
C MET A 288 -8.91 21.69 22.68
N PHE A 289 -8.81 20.58 23.43
CA PHE A 289 -9.10 20.62 24.86
C PHE A 289 -8.13 21.56 25.58
N VAL A 290 -6.83 21.41 25.31
CA VAL A 290 -5.84 22.22 26.01
C VAL A 290 -6.03 23.70 25.68
N CYS A 291 -6.14 24.03 24.40
CA CYS A 291 -6.26 25.43 24.01
C CYS A 291 -7.56 26.03 24.53
N PHE A 292 -8.66 25.28 24.47
CA PHE A 292 -9.94 25.78 24.95
C PHE A 292 -9.88 26.09 26.44
N GLU A 293 -9.33 25.16 27.23
CA GLU A 293 -9.26 25.39 28.67
C GLU A 293 -8.37 26.58 28.99
N GLN A 294 -7.20 26.66 28.36
CA GLN A 294 -6.27 27.75 28.65
C GLN A 294 -6.88 29.09 28.27
N LEU A 295 -7.51 29.17 27.08
CA LEU A 295 -8.08 30.43 26.64
C LEU A 295 -9.26 30.84 27.51
N LYS A 296 -10.10 29.88 27.90
CA LYS A 296 -11.22 30.20 28.77
C LYS A 296 -10.75 30.72 30.12
N ARG A 297 -9.72 30.08 30.69
CA ARG A 297 -9.17 30.56 31.96
C ARG A 297 -8.57 31.96 31.81
N GLU A 298 -7.87 32.22 30.71
CA GLU A 298 -7.28 33.54 30.51
C GLU A 298 -8.34 34.61 30.34
N LEU A 299 -9.41 34.31 29.60
CA LEU A 299 -10.41 35.32 29.27
C LEU A 299 -11.46 35.48 30.36
N SER A 300 -11.57 34.52 31.28
CA SER A 300 -12.57 34.62 32.33
C SER A 300 -12.31 35.78 33.28
N LYS A 301 -11.05 36.15 33.49
CA LYS A 301 -10.71 37.25 34.37
C LYS A 301 -10.55 38.55 33.60
N GLN B 4 8.53 34.72 -27.69
CA GLN B 4 8.87 33.78 -28.76
C GLN B 4 9.18 32.40 -28.19
N VAL B 5 8.15 31.74 -27.65
CA VAL B 5 8.31 30.42 -27.06
C VAL B 5 8.38 29.39 -28.18
N GLN B 6 9.43 28.58 -28.19
CA GLN B 6 9.63 27.55 -29.20
C GLN B 6 9.99 26.23 -28.54
N LEU B 7 9.38 25.16 -29.03
CA LEU B 7 9.69 23.79 -28.62
C LEU B 7 10.05 22.99 -29.86
N VAL B 8 11.17 22.26 -29.80
CA VAL B 8 11.63 21.45 -30.92
C VAL B 8 11.88 20.04 -30.45
N GLU B 9 11.44 19.07 -31.24
CA GLU B 9 11.59 17.65 -30.92
C GLU B 9 12.52 16.99 -31.92
N SER B 10 13.29 16.03 -31.44
CA SER B 10 14.22 15.30 -32.30
C SER B 10 14.41 13.89 -31.76
N GLY B 11 14.88 13.01 -32.65
CA GLY B 11 15.16 11.63 -32.30
C GLY B 11 14.24 10.61 -32.92
N GLY B 12 13.16 11.04 -33.58
CA GLY B 12 12.23 10.11 -34.17
C GLY B 12 12.74 9.54 -35.49
N GLY B 13 12.02 8.53 -35.97
CA GLY B 13 12.36 7.88 -37.22
C GLY B 13 11.74 6.51 -37.35
N LEU B 14 12.50 5.57 -37.93
CA LEU B 14 12.05 4.19 -38.09
C LEU B 14 12.91 3.28 -37.24
N VAL B 15 12.27 2.46 -36.41
CA VAL B 15 12.95 1.56 -35.50
C VAL B 15 12.24 0.21 -35.52
N GLN B 16 13.02 -0.87 -35.51
CA GLN B 16 12.45 -2.20 -35.49
C GLN B 16 11.93 -2.54 -34.10
N ALA B 17 11.15 -3.63 -34.04
CA ALA B 17 10.63 -4.09 -32.76
C ALA B 17 11.77 -4.58 -31.86
N GLY B 18 11.59 -4.41 -30.55
CA GLY B 18 12.62 -4.77 -29.61
C GLY B 18 13.87 -3.93 -29.69
N ASP B 19 13.72 -2.61 -29.84
CA ASP B 19 14.86 -1.71 -29.90
C ASP B 19 14.68 -0.55 -28.95
N SER B 20 15.55 0.45 -29.02
CA SER B 20 15.51 1.59 -28.12
C SER B 20 15.61 2.89 -28.92
N LEU B 21 15.04 3.95 -28.36
CA LEU B 21 15.03 5.24 -29.02
C LEU B 21 15.16 6.36 -27.98
N ARG B 22 15.73 7.47 -28.42
CA ARG B 22 15.99 8.64 -27.59
C ARG B 22 15.23 9.81 -28.18
N LEU B 23 14.28 10.36 -27.42
CA LEU B 23 13.53 11.54 -27.85
C LEU B 23 13.96 12.74 -27.03
N SER B 24 14.34 13.82 -27.70
CA SER B 24 14.81 15.03 -27.03
C SER B 24 13.90 16.19 -27.38
N CYS B 25 13.41 16.87 -26.35
CA CYS B 25 12.60 18.08 -26.49
C CYS B 25 13.39 19.26 -25.94
N ALA B 26 13.65 20.25 -26.79
CA ALA B 26 14.41 21.43 -26.42
C ALA B 26 13.51 22.65 -26.43
N ALA B 27 13.62 23.47 -25.39
CA ALA B 27 12.79 24.66 -25.23
C ALA B 27 13.66 25.90 -25.34
N SER B 28 13.18 26.89 -26.10
CA SER B 28 13.88 28.16 -26.27
C SER B 28 12.89 29.30 -26.09
N GLY B 29 13.33 30.34 -25.37
CA GLY B 29 12.52 31.51 -25.13
C GLY B 29 11.91 31.60 -23.75
N LEU B 30 11.91 30.52 -22.99
CA LEU B 30 11.38 30.53 -21.64
C LEU B 30 12.38 29.87 -20.69
N THR B 31 12.23 30.16 -19.41
CA THR B 31 13.05 29.55 -18.38
C THR B 31 12.38 28.28 -17.89
N LEU B 32 13.07 27.15 -18.05
CA LEU B 32 12.52 25.85 -17.72
C LEU B 32 12.57 25.54 -16.22
N LYS B 33 12.97 26.51 -15.40
CA LYS B 33 13.04 26.27 -13.95
C LYS B 33 11.66 26.01 -13.37
N ASN B 34 10.65 26.75 -13.83
CA ASN B 34 9.31 26.71 -13.24
C ASN B 34 8.27 26.24 -14.25
N TYR B 35 8.60 25.20 -15.01
CA TYR B 35 7.67 24.60 -15.96
C TYR B 35 7.65 23.09 -15.74
N ALA B 36 6.54 22.46 -16.11
CA ALA B 36 6.40 21.01 -15.98
C ALA B 36 6.33 20.39 -17.37
N MET B 37 7.22 19.45 -17.65
CA MET B 37 7.29 18.86 -18.98
C MET B 37 6.48 17.57 -19.06
N GLY B 38 5.90 17.32 -20.23
CA GLY B 38 5.17 16.10 -20.47
C GLY B 38 5.19 15.72 -21.93
N TRP B 39 4.91 14.45 -22.20
CA TRP B 39 4.93 13.91 -23.55
C TRP B 39 3.57 13.30 -23.87
N PHE B 40 3.02 13.64 -25.04
CA PHE B 40 1.72 13.15 -25.47
C PHE B 40 1.84 12.53 -26.85
N ARG B 41 1.35 11.31 -27.01
CA ARG B 41 1.37 10.63 -28.28
C ARG B 41 0.00 10.65 -28.92
N GLN B 42 -0.02 10.67 -30.25
CA GLN B 42 -1.26 10.65 -31.02
C GLN B 42 -1.13 9.66 -32.16
N ALA B 43 -2.06 8.77 -32.27
CA ALA B 43 -2.09 7.85 -33.38
C ALA B 43 -3.08 8.34 -34.43
N PRO B 44 -2.86 8.03 -35.71
CA PRO B 44 -3.81 8.46 -36.75
C PRO B 44 -5.19 7.87 -36.51
N GLY B 45 -6.20 8.73 -36.52
CA GLY B 45 -7.55 8.30 -36.22
C GLY B 45 -7.86 8.16 -34.75
N LYS B 46 -7.17 8.91 -33.89
CA LYS B 46 -7.39 8.84 -32.46
C LYS B 46 -6.99 10.16 -31.82
N GLU B 47 -7.46 10.39 -30.60
CA GLU B 47 -7.18 11.61 -29.87
C GLU B 47 -5.87 11.48 -29.10
N HIS B 48 -5.52 12.53 -28.36
CA HIS B 48 -4.29 12.54 -27.59
C HIS B 48 -4.36 11.53 -26.45
N GLU B 49 -3.20 10.96 -26.12
CA GLU B 49 -3.08 10.02 -25.02
C GLU B 49 -1.90 10.42 -24.14
N PHE B 50 -2.00 10.10 -22.86
CA PHE B 50 -0.95 10.40 -21.90
C PHE B 50 0.18 9.39 -22.03
N VAL B 51 1.42 9.87 -21.92
CA VAL B 51 2.59 9.00 -22.00
C VAL B 51 3.43 9.13 -20.73
N ALA B 52 3.95 10.33 -20.47
CA ALA B 52 4.79 10.54 -19.30
C ALA B 52 4.80 12.02 -18.94
N VAL B 53 5.17 12.30 -17.70
CA VAL B 53 5.22 13.68 -17.20
C VAL B 53 6.24 13.74 -16.08
N ILE B 54 6.89 14.90 -15.94
CA ILE B 54 7.91 15.10 -14.92
C ILE B 54 7.63 16.40 -14.18
N SER B 55 7.97 16.43 -12.89
CA SER B 55 7.74 17.60 -12.05
C SER B 55 8.79 18.67 -12.34
N TRP B 56 8.82 19.72 -11.51
CA TRP B 56 9.66 20.87 -11.81
C TRP B 56 11.15 20.57 -11.60
N SER B 57 11.47 19.75 -10.60
CA SER B 57 12.85 19.49 -10.24
C SER B 57 13.24 18.03 -10.40
N GLY B 58 12.55 17.29 -11.27
CA GLY B 58 12.88 15.90 -11.48
C GLY B 58 12.66 15.02 -10.28
N SER B 59 11.92 15.49 -9.28
CA SER B 59 11.71 14.71 -8.07
C SER B 59 10.72 13.57 -8.32
N GLY B 60 9.50 13.91 -8.74
CA GLY B 60 8.49 12.91 -8.98
C GLY B 60 8.02 12.87 -10.42
N THR B 61 8.11 11.70 -11.04
CA THR B 61 7.70 11.50 -12.42
C THR B 61 6.53 10.52 -12.46
N SER B 62 5.69 10.66 -13.49
CA SER B 62 4.52 9.80 -13.65
C SER B 62 4.46 9.27 -15.06
N TYR B 63 3.93 8.05 -15.19
CA TYR B 63 3.85 7.36 -16.46
C TYR B 63 2.43 6.85 -16.65
N ALA B 64 2.09 6.58 -17.91
CA ALA B 64 0.78 6.03 -18.23
C ALA B 64 0.72 4.55 -17.82
N ASP B 65 -0.50 4.00 -17.86
CA ASP B 65 -0.68 2.62 -17.44
C ASP B 65 -0.11 1.64 -18.46
N SER B 66 -0.08 2.02 -19.74
CA SER B 66 0.36 1.11 -20.79
C SER B 66 1.86 1.20 -21.08
N VAL B 67 2.58 2.13 -20.45
CA VAL B 67 4.00 2.30 -20.70
C VAL B 67 4.76 2.23 -19.38
N GLU B 68 4.22 1.50 -18.42
CA GLU B 68 4.83 1.40 -17.10
C GLU B 68 6.02 0.44 -17.16
N GLY B 69 7.21 0.94 -16.85
CA GLY B 69 8.41 0.13 -16.80
C GLY B 69 9.20 0.09 -18.10
N ARG B 70 8.64 0.58 -19.20
CA ARG B 70 9.33 0.61 -20.48
C ARG B 70 9.91 1.97 -20.83
N PHE B 71 9.20 3.04 -20.49
CA PHE B 71 9.62 4.40 -20.82
C PHE B 71 10.24 5.05 -19.59
N THR B 72 11.31 5.80 -19.81
CA THR B 72 11.99 6.51 -18.73
C THR B 72 12.12 7.98 -19.10
N ILE B 73 11.59 8.86 -18.26
CA ILE B 73 11.60 10.29 -18.54
C ILE B 73 12.64 10.97 -17.65
N SER B 74 13.28 12.00 -18.19
CA SER B 74 14.29 12.75 -17.43
C SER B 74 14.37 14.16 -17.99
N ARG B 75 15.04 15.03 -17.26
CA ARG B 75 15.14 16.44 -17.65
C ARG B 75 16.46 17.00 -17.18
N ASP B 76 16.83 18.13 -17.77
CA ASP B 76 18.05 18.84 -17.39
C ASP B 76 17.75 20.34 -17.43
N ASN B 77 17.80 20.97 -16.26
CA ASN B 77 17.53 22.40 -16.17
C ASN B 77 18.72 23.24 -16.65
N ALA B 78 19.94 22.75 -16.47
CA ALA B 78 21.12 23.48 -16.91
C ALA B 78 21.12 23.67 -18.42
N LYS B 79 20.78 22.63 -19.16
CA LYS B 79 20.61 22.71 -20.61
C LYS B 79 19.15 22.76 -21.03
N ASN B 80 18.25 23.02 -20.07
CA ASN B 80 16.81 23.24 -20.26
C ASN B 80 16.23 22.36 -21.38
N THR B 81 16.39 21.05 -21.20
CA THR B 81 15.86 20.08 -22.15
C THR B 81 15.19 18.94 -21.40
N ALA B 82 14.42 18.14 -22.15
CA ALA B 82 13.78 16.95 -21.61
C ALA B 82 14.09 15.77 -22.51
N PHE B 83 14.25 14.60 -21.91
CA PHE B 83 14.63 13.39 -22.63
C PHE B 83 13.71 12.24 -22.26
N LEU B 84 13.37 11.43 -23.26
CA LEU B 84 12.57 10.23 -23.08
C LEU B 84 13.30 9.04 -23.67
N GLN B 85 13.51 8.02 -22.85
CA GLN B 85 14.11 6.75 -23.27
C GLN B 85 12.98 5.77 -23.51
N MET B 86 12.87 5.28 -24.75
CA MET B 86 11.87 4.29 -25.12
C MET B 86 12.57 2.96 -25.34
N SER B 87 12.15 1.93 -24.61
CA SER B 87 12.79 0.62 -24.68
C SER B 87 11.72 -0.46 -24.84
N SER B 88 12.11 -1.56 -25.51
CA SER B 88 11.22 -2.68 -25.78
C SER B 88 9.97 -2.22 -26.52
N LEU B 89 10.19 -1.67 -27.72
CA LEU B 89 9.10 -1.12 -28.51
C LEU B 89 8.17 -2.20 -29.01
N LYS B 90 6.93 -1.81 -29.27
CA LYS B 90 5.87 -2.69 -29.73
C LYS B 90 5.21 -2.09 -30.96
N PRO B 91 4.58 -2.92 -31.80
CA PRO B 91 3.93 -2.36 -33.00
C PRO B 91 2.81 -1.39 -32.71
N GLU B 92 2.31 -1.33 -31.48
CA GLU B 92 1.25 -0.40 -31.12
C GLU B 92 1.77 1.00 -30.78
N ASP B 93 3.08 1.22 -30.86
CA ASP B 93 3.68 2.50 -30.52
C ASP B 93 3.88 3.41 -31.71
N THR B 94 3.42 3.02 -32.90
CA THR B 94 3.54 3.86 -34.09
C THR B 94 2.62 5.06 -33.94
N ALA B 95 3.20 6.24 -33.77
CA ALA B 95 2.41 7.44 -33.51
C ALA B 95 3.31 8.67 -33.65
N VAL B 96 2.69 9.84 -33.52
CA VAL B 96 3.41 11.11 -33.55
C VAL B 96 3.41 11.70 -32.14
N TYR B 97 4.58 12.14 -31.69
CA TYR B 97 4.81 12.55 -30.31
C TYR B 97 4.96 14.06 -30.23
N TYR B 98 4.38 14.63 -29.17
CA TYR B 98 4.43 16.07 -28.90
C TYR B 98 4.97 16.29 -27.50
N CYS B 99 5.75 17.36 -27.34
CA CYS B 99 6.31 17.77 -26.06
C CYS B 99 5.55 19.00 -25.59
N ALA B 100 4.96 18.92 -24.39
CA ALA B 100 4.12 19.98 -23.87
C ALA B 100 4.68 20.50 -22.55
N ALA B 101 4.51 21.80 -22.33
CA ALA B 101 5.01 22.48 -21.14
C ALA B 101 3.86 23.12 -20.38
N ARG B 102 3.79 22.85 -19.09
CA ARG B 102 2.77 23.41 -18.21
C ARG B 102 3.36 24.56 -17.41
N ASP B 103 2.69 25.71 -17.46
CA ASP B 103 3.21 26.95 -16.89
C ASP B 103 3.12 26.93 -15.37
N GLY B 104 2.02 26.38 -14.83
CA GLY B 104 1.77 26.46 -13.40
C GLY B 104 2.87 25.89 -12.54
N GLY B 105 3.70 25.01 -13.09
CA GLY B 105 4.80 24.44 -12.33
C GLY B 105 4.35 23.33 -11.41
N TYR B 106 5.20 22.31 -11.26
CA TYR B 106 4.93 21.16 -10.41
C TYR B 106 3.64 20.47 -10.84
N GLY B 107 3.35 20.51 -12.14
CA GLY B 107 2.05 20.10 -12.63
C GLY B 107 2.05 18.88 -13.50
N SER B 108 0.89 18.23 -13.60
CA SER B 108 0.70 17.05 -14.43
C SER B 108 -0.79 16.83 -14.59
N ARG B 109 -1.26 16.73 -15.84
CA ARG B 109 -2.70 16.64 -16.05
C ARG B 109 -2.96 16.06 -17.44
N TRP B 110 -4.21 16.09 -17.85
CA TRP B 110 -4.66 15.68 -19.17
C TRP B 110 -4.47 16.83 -20.16
N PRO B 111 -4.53 16.56 -21.47
CA PRO B 111 -4.41 17.63 -22.45
C PRO B 111 -5.44 18.72 -22.24
N ASP B 112 -5.22 19.85 -22.90
CA ASP B 112 -5.98 21.10 -22.83
C ASP B 112 -5.73 21.83 -21.51
N GLU B 113 -4.90 21.29 -20.62
CA GLU B 113 -4.50 21.99 -19.41
C GLU B 113 -3.13 22.64 -19.52
N TYR B 114 -2.39 22.34 -20.59
CA TYR B 114 -1.06 22.89 -20.78
C TYR B 114 -1.14 24.24 -21.49
N THR B 115 0.02 24.85 -21.69
CA THR B 115 0.08 26.18 -22.27
C THR B 115 0.79 26.24 -23.62
N TYR B 116 1.75 25.35 -23.88
CA TYR B 116 2.48 25.35 -25.14
C TYR B 116 2.59 23.92 -25.67
N TRP B 117 2.81 23.82 -26.97
CA TRP B 117 2.94 22.52 -27.62
C TRP B 117 4.05 22.58 -28.65
N GLY B 118 4.50 21.40 -29.07
CA GLY B 118 5.57 21.27 -30.03
C GLY B 118 5.10 20.75 -31.38
N GLN B 119 6.05 20.71 -32.31
CA GLN B 119 5.74 20.24 -33.66
C GLN B 119 5.44 18.75 -33.68
N GLY B 120 6.23 17.96 -32.98
CA GLY B 120 6.02 16.53 -32.91
C GLY B 120 6.89 15.78 -33.89
N THR B 121 7.16 14.51 -33.57
CA THR B 121 7.98 13.64 -34.41
C THR B 121 7.30 12.30 -34.58
N GLN B 122 7.49 11.69 -35.75
CA GLN B 122 6.85 10.43 -36.09
C GLN B 122 7.74 9.27 -35.69
N VAL B 123 7.15 8.25 -35.07
CA VAL B 123 7.84 7.03 -34.70
C VAL B 123 7.03 5.85 -35.23
N THR B 124 7.70 4.98 -35.98
CA THR B 124 7.04 3.88 -36.67
C THR B 124 7.76 2.57 -36.39
N VAL B 125 6.99 1.49 -36.35
CA VAL B 125 7.53 0.14 -36.20
C VAL B 125 7.10 -0.67 -37.43
N PRO B 126 7.93 -0.73 -38.47
CA PRO B 126 7.49 -1.38 -39.71
C PRO B 126 7.29 -2.87 -39.52
N PRO B 127 6.33 -3.47 -40.21
CA PRO B 127 6.14 -4.91 -40.15
C PRO B 127 6.92 -5.63 -41.25
N LEU B 128 7.01 -6.96 -41.10
CA LEU B 128 7.69 -7.77 -42.10
C LEU B 128 6.89 -7.79 -43.41
N VAL B 129 7.59 -7.58 -44.52
CA VAL B 129 7.00 -7.65 -45.85
C VAL B 129 7.82 -8.64 -46.66
N ILE B 130 7.16 -9.67 -47.19
CA ILE B 130 7.82 -10.76 -47.88
C ILE B 130 7.31 -10.82 -49.31
N TRP B 131 8.23 -10.82 -50.27
CA TRP B 131 7.90 -10.96 -51.67
C TRP B 131 8.18 -12.38 -52.13
N ILE B 132 7.17 -13.03 -52.69
CA ILE B 132 7.28 -14.40 -53.18
C ILE B 132 6.57 -14.48 -54.53
N ASN B 133 7.18 -15.20 -55.47
CA ASN B 133 6.56 -15.36 -56.78
C ASN B 133 5.21 -16.05 -56.65
N GLY B 134 4.25 -15.63 -57.48
CA GLY B 134 2.89 -16.12 -57.37
C GLY B 134 2.73 -17.60 -57.66
N ASP B 135 3.72 -18.21 -58.33
CA ASP B 135 3.63 -19.64 -58.63
C ASP B 135 3.64 -20.46 -57.35
N LYS B 136 4.48 -20.09 -56.38
CA LYS B 136 4.61 -20.86 -55.16
C LYS B 136 3.37 -20.66 -54.27
N GLY B 137 3.30 -21.46 -53.21
CA GLY B 137 2.17 -21.42 -52.30
C GLY B 137 2.25 -20.31 -51.27
N TYR B 138 1.95 -19.08 -51.69
CA TYR B 138 2.05 -17.95 -50.78
C TYR B 138 1.04 -18.02 -49.64
N ASN B 139 -0.03 -18.80 -49.79
CA ASN B 139 -1.01 -18.94 -48.70
C ASN B 139 -0.38 -19.62 -47.49
N GLY B 140 0.44 -20.65 -47.71
CA GLY B 140 1.14 -21.28 -46.61
C GLY B 140 2.09 -20.34 -45.91
N LEU B 141 2.79 -19.50 -46.69
CA LEU B 141 3.67 -18.51 -46.09
C LEU B 141 2.88 -17.49 -45.29
N ALA B 142 1.71 -17.09 -45.78
CA ALA B 142 0.87 -16.18 -45.02
C ALA B 142 0.40 -16.81 -43.71
N GLU B 143 0.06 -18.11 -43.76
CA GLU B 143 -0.34 -18.80 -42.53
C GLU B 143 0.81 -18.87 -41.54
N VAL B 144 2.02 -19.14 -42.02
CA VAL B 144 3.19 -19.17 -41.14
C VAL B 144 3.43 -17.78 -40.55
N GLY B 145 3.24 -16.74 -41.36
CA GLY B 145 3.37 -15.39 -40.84
C GLY B 145 2.33 -15.05 -39.80
N LYS B 146 1.10 -15.54 -39.98
CA LYS B 146 0.06 -15.34 -38.97
C LYS B 146 0.43 -16.05 -37.67
N LYS B 147 0.98 -17.26 -37.78
CA LYS B 147 1.45 -17.96 -36.58
C LYS B 147 2.57 -17.16 -35.90
N PHE B 148 3.48 -16.60 -36.69
CA PHE B 148 4.55 -15.78 -36.14
C PHE B 148 4.00 -14.55 -35.44
N GLU B 149 2.98 -13.91 -36.03
CA GLU B 149 2.35 -12.76 -35.40
C GLU B 149 1.68 -13.15 -34.09
N LYS B 150 1.03 -14.31 -34.06
CA LYS B 150 0.42 -14.78 -32.82
C LYS B 150 1.48 -15.03 -31.76
N ASP B 151 2.63 -15.58 -32.16
CA ASP B 151 3.66 -15.94 -31.19
C ASP B 151 4.39 -14.70 -30.66
N THR B 152 4.67 -13.73 -31.53
CA THR B 152 5.52 -12.61 -31.18
C THR B 152 4.82 -11.25 -31.20
N GLY B 153 3.74 -11.09 -31.96
CA GLY B 153 3.02 -9.83 -31.99
C GLY B 153 3.41 -8.88 -33.10
N ILE B 154 4.13 -9.34 -34.12
CA ILE B 154 4.53 -8.51 -35.25
C ILE B 154 3.85 -9.04 -36.50
N LYS B 155 3.16 -8.15 -37.21
CA LYS B 155 2.40 -8.54 -38.39
C LYS B 155 3.33 -8.95 -39.52
N VAL B 156 2.84 -9.85 -40.37
CA VAL B 156 3.57 -10.34 -41.54
C VAL B 156 2.69 -10.15 -42.77
N THR B 157 3.24 -9.50 -43.80
CA THR B 157 2.53 -9.28 -45.05
C THR B 157 3.23 -10.03 -46.16
N VAL B 158 2.46 -10.63 -47.06
CA VAL B 158 2.97 -11.38 -48.20
C VAL B 158 2.44 -10.73 -49.47
N GLU B 159 3.34 -10.36 -50.38
CA GLU B 159 2.96 -9.76 -51.64
C GLU B 159 3.61 -10.52 -52.79
N HIS B 160 2.90 -10.61 -53.91
CA HIS B 160 3.38 -11.32 -55.09
C HIS B 160 3.24 -10.41 -56.32
N PRO B 161 4.11 -9.40 -56.43
CA PRO B 161 4.06 -8.54 -57.61
C PRO B 161 4.48 -9.29 -58.86
N ASP B 162 3.94 -8.86 -60.00
CA ASP B 162 4.27 -9.49 -61.27
C ASP B 162 5.69 -9.12 -61.69
N LYS B 163 6.48 -10.13 -62.03
CA LYS B 163 7.87 -9.95 -62.46
C LYS B 163 8.69 -9.21 -61.41
N LEU B 164 8.77 -9.82 -60.23
CA LEU B 164 9.52 -9.24 -59.12
C LEU B 164 11.02 -9.20 -59.38
N GLU B 165 11.53 -10.09 -60.24
CA GLU B 165 12.96 -10.14 -60.50
C GLU B 165 13.48 -8.85 -61.14
N GLU B 166 12.60 -8.05 -61.73
CA GLU B 166 12.98 -6.75 -62.26
C GLU B 166 12.57 -5.59 -61.35
N LYS B 167 11.51 -5.77 -60.56
CA LYS B 167 11.07 -4.70 -59.67
C LYS B 167 11.96 -4.58 -58.44
N PHE B 168 12.53 -5.69 -57.96
CA PHE B 168 13.36 -5.63 -56.76
C PHE B 168 14.60 -4.76 -56.92
N PRO B 169 15.41 -4.90 -57.98
CA PRO B 169 16.61 -4.03 -58.07
C PRO B 169 16.27 -2.55 -58.15
N GLN B 170 15.17 -2.19 -58.80
CA GLN B 170 14.81 -0.78 -58.91
C GLN B 170 14.26 -0.24 -57.59
N VAL B 171 13.42 -1.02 -56.91
CA VAL B 171 12.83 -0.55 -55.65
C VAL B 171 13.90 -0.36 -54.59
N ALA B 172 14.84 -1.29 -54.49
CA ALA B 172 15.91 -1.18 -53.50
C ALA B 172 17.24 -0.83 -54.17
N GLY B 177 11.17 -1.09 -50.51
CA GLY B 177 11.80 -2.38 -50.73
C GLY B 177 11.35 -3.43 -49.74
N PRO B 178 11.30 -4.68 -50.18
CA PRO B 178 10.88 -5.77 -49.29
C PRO B 178 11.98 -6.12 -48.30
N ASP B 179 11.60 -6.94 -47.31
CA ASP B 179 12.54 -7.38 -46.29
C ASP B 179 13.17 -8.72 -46.62
N ILE B 180 12.38 -9.67 -47.13
CA ILE B 180 12.87 -10.97 -47.55
C ILE B 180 12.39 -11.23 -48.97
N ILE B 181 13.29 -11.73 -49.81
CA ILE B 181 13.00 -11.94 -51.22
C ILE B 181 13.27 -13.40 -51.57
N PHE B 182 12.28 -14.07 -52.17
CA PHE B 182 12.35 -15.48 -52.51
C PHE B 182 12.54 -15.63 -54.02
N TRP B 183 13.53 -16.41 -54.43
CA TRP B 183 13.78 -16.63 -55.85
C TRP B 183 14.78 -17.77 -56.01
N ALA B 184 15.07 -18.11 -57.26
CA ALA B 184 16.15 -19.05 -57.53
C ALA B 184 17.50 -18.42 -57.20
N HIS B 185 18.56 -19.21 -57.33
CA HIS B 185 19.88 -18.79 -56.91
C HIS B 185 20.73 -18.24 -58.04
N ASP B 186 20.15 -18.02 -59.22
CA ASP B 186 20.93 -17.47 -60.32
C ASP B 186 21.00 -15.94 -60.26
N ARG B 187 19.91 -15.28 -59.87
CA ARG B 187 19.92 -13.83 -59.74
C ARG B 187 20.60 -13.35 -58.47
N PHE B 188 20.76 -14.22 -57.48
CA PHE B 188 21.28 -13.78 -56.19
C PHE B 188 22.77 -13.48 -56.24
N GLY B 189 23.52 -14.18 -57.09
CA GLY B 189 24.91 -13.82 -57.28
C GLY B 189 25.07 -12.40 -57.82
N GLY B 190 24.29 -12.06 -58.84
CA GLY B 190 24.33 -10.70 -59.36
C GLY B 190 23.84 -9.67 -58.36
N TYR B 191 22.78 -10.01 -57.61
CA TYR B 191 22.28 -9.09 -56.59
C TYR B 191 23.34 -8.81 -55.53
N ALA B 192 24.03 -9.85 -55.07
CA ALA B 192 25.08 -9.65 -54.08
C ALA B 192 26.29 -8.91 -54.65
N GLN B 193 26.62 -9.16 -55.92
CA GLN B 193 27.71 -8.43 -56.55
C GLN B 193 27.40 -6.95 -56.66
N SER B 194 26.13 -6.61 -56.98
CA SER B 194 25.73 -5.22 -57.03
C SER B 194 25.65 -4.58 -55.64
N GLY B 195 25.52 -5.39 -54.60
CA GLY B 195 25.54 -4.90 -53.23
C GLY B 195 24.20 -4.75 -52.55
N LEU B 196 23.11 -5.17 -53.19
CA LEU B 196 21.78 -5.00 -52.61
C LEU B 196 21.49 -5.98 -51.49
N LEU B 197 22.24 -7.08 -51.39
CA LEU B 197 21.98 -8.12 -50.41
C LEU B 197 22.80 -7.90 -49.15
N ALA B 198 22.66 -8.81 -48.19
CA ALA B 198 23.37 -8.75 -46.92
C ALA B 198 23.94 -10.11 -46.60
N GLU B 199 25.11 -10.12 -45.97
CA GLU B 199 25.77 -11.36 -45.59
C GLU B 199 24.97 -12.09 -44.52
N ILE B 200 25.03 -13.41 -44.54
CA ILE B 200 24.26 -14.27 -43.66
C ILE B 200 25.22 -15.17 -42.89
N THR B 201 25.07 -15.19 -41.57
CA THR B 201 25.92 -15.97 -40.67
C THR B 201 25.06 -16.87 -39.80
N PRO B 202 24.80 -18.10 -40.24
CA PRO B 202 24.08 -19.06 -39.40
C PRO B 202 25.03 -19.85 -38.51
N ASP B 203 24.45 -20.42 -37.46
CA ASP B 203 25.23 -21.17 -36.49
C ASP B 203 25.75 -22.48 -37.09
N LYS B 204 26.80 -23.02 -36.48
CA LYS B 204 27.37 -24.27 -36.96
C LYS B 204 26.36 -25.42 -36.84
N ALA B 205 25.59 -25.44 -35.76
CA ALA B 205 24.54 -26.45 -35.62
C ALA B 205 23.48 -26.29 -36.69
N PHE B 206 23.11 -25.05 -37.01
CA PHE B 206 22.10 -24.80 -38.04
C PHE B 206 22.59 -25.28 -39.41
N GLN B 207 23.87 -25.04 -39.72
CA GLN B 207 24.41 -25.46 -41.00
C GLN B 207 24.44 -26.98 -41.16
N ASP B 208 24.35 -27.72 -40.06
CA ASP B 208 24.33 -29.18 -40.13
C ASP B 208 22.95 -29.75 -40.44
N LYS B 209 21.91 -28.92 -40.43
CA LYS B 209 20.57 -29.40 -40.71
C LYS B 209 20.35 -29.67 -42.20
N LEU B 210 21.00 -28.90 -43.07
CA LEU B 210 20.83 -29.01 -44.50
C LEU B 210 22.10 -29.56 -45.15
N TYR B 211 21.96 -29.98 -46.40
CA TYR B 211 23.07 -30.61 -47.12
C TYR B 211 24.19 -29.60 -47.36
N PRO B 212 25.43 -30.07 -47.53
CA PRO B 212 26.54 -29.12 -47.73
C PRO B 212 26.53 -28.47 -49.11
N PHE B 213 26.27 -29.24 -50.16
CA PHE B 213 26.24 -28.64 -51.50
C PHE B 213 25.09 -27.67 -51.65
N THR B 214 23.96 -27.89 -50.95
CA THR B 214 22.87 -26.92 -50.98
C THR B 214 23.32 -25.59 -50.40
N TRP B 215 24.07 -25.61 -49.30
CA TRP B 215 24.61 -24.37 -48.76
C TRP B 215 25.63 -23.75 -49.71
N ASP B 216 26.49 -24.58 -50.31
CA ASP B 216 27.52 -24.06 -51.20
C ASP B 216 26.96 -23.49 -52.48
N ALA B 217 25.75 -23.88 -52.87
CA ALA B 217 25.14 -23.34 -54.09
C ALA B 217 24.83 -21.85 -53.98
N VAL B 218 24.68 -21.32 -52.76
CA VAL B 218 24.38 -19.91 -52.58
C VAL B 218 25.56 -19.21 -51.94
N ARG B 219 26.76 -19.74 -52.16
CA ARG B 219 27.98 -19.13 -51.65
C ARG B 219 28.53 -18.12 -52.65
N TYR B 220 29.37 -17.23 -52.16
CA TYR B 220 29.97 -16.19 -53.01
C TYR B 220 31.29 -15.76 -52.35
N ASN B 221 32.39 -16.25 -52.90
CA ASN B 221 33.74 -15.91 -52.42
C ASN B 221 33.89 -16.22 -50.93
N GLY B 222 33.37 -17.37 -50.51
CA GLY B 222 33.51 -17.82 -49.14
C GLY B 222 32.44 -17.37 -48.19
N LYS B 223 31.51 -16.52 -48.62
CA LYS B 223 30.44 -16.02 -47.79
C LYS B 223 29.11 -16.63 -48.23
N LEU B 224 28.07 -16.39 -47.43
CA LEU B 224 26.73 -16.89 -47.69
C LEU B 224 25.78 -15.70 -47.77
N ILE B 225 24.91 -15.70 -48.79
CA ILE B 225 24.04 -14.57 -49.06
C ILE B 225 22.56 -14.92 -48.97
N ALA B 226 22.21 -16.20 -48.78
CA ALA B 226 20.81 -16.58 -48.72
C ALA B 226 20.67 -17.95 -48.09
N TYR B 227 19.57 -18.15 -47.38
CA TYR B 227 19.23 -19.47 -46.85
C TYR B 227 18.58 -20.31 -47.94
N PRO B 228 19.17 -21.44 -48.34
CA PRO B 228 18.48 -22.33 -49.27
C PRO B 228 17.21 -22.89 -48.62
N ILE B 229 16.18 -23.06 -49.43
CA ILE B 229 14.88 -23.55 -48.98
C ILE B 229 14.51 -24.87 -49.63
N ALA B 230 14.64 -24.96 -50.95
CA ALA B 230 14.25 -26.18 -51.64
C ALA B 230 15.01 -26.30 -52.95
N VAL B 231 14.95 -27.51 -53.53
CA VAL B 231 15.60 -27.81 -54.81
C VAL B 231 14.52 -28.17 -55.81
N GLU B 232 14.55 -27.53 -56.98
CA GLU B 232 13.53 -27.70 -58.00
C GLU B 232 14.16 -28.10 -59.32
N ALA B 233 13.45 -28.95 -60.07
CA ALA B 233 13.89 -29.39 -61.38
C ALA B 233 12.66 -29.82 -62.19
N LEU B 234 12.76 -29.68 -63.51
CA LEU B 234 11.64 -30.01 -64.37
C LEU B 234 11.45 -31.51 -64.49
N SER B 235 10.26 -31.91 -64.93
CA SER B 235 9.92 -33.31 -65.16
C SER B 235 8.79 -33.38 -66.17
N LEU B 236 8.59 -34.55 -66.76
CA LEU B 236 7.52 -34.78 -67.72
C LEU B 236 6.32 -35.37 -66.98
N ILE B 237 5.12 -34.89 -67.31
CA ILE B 237 3.90 -35.33 -66.66
C ILE B 237 2.96 -35.83 -67.74
N TYR B 238 2.42 -37.03 -67.54
CA TYR B 238 1.53 -37.63 -68.52
C TYR B 238 0.34 -38.33 -67.86
N ASN B 245 1.98 -45.92 -71.61
CA ASN B 245 3.34 -46.04 -72.15
C ASN B 245 3.80 -44.71 -72.75
N PRO B 246 4.34 -43.84 -71.90
CA PRO B 246 4.83 -42.55 -72.41
C PRO B 246 6.03 -42.74 -73.31
N PRO B 247 6.26 -41.84 -74.26
CA PRO B 247 7.40 -41.98 -75.16
C PRO B 247 8.72 -41.90 -74.40
N LYS B 248 9.70 -42.66 -74.89
CA LYS B 248 11.03 -42.68 -74.29
C LYS B 248 12.04 -41.78 -75.00
N THR B 249 11.83 -41.50 -76.29
CA THR B 249 12.69 -40.62 -77.05
C THR B 249 11.88 -39.51 -77.68
N TRP B 250 12.51 -38.34 -77.85
CA TRP B 250 11.82 -37.20 -78.44
C TRP B 250 11.42 -37.49 -79.88
N GLU B 251 12.31 -38.11 -80.65
CA GLU B 251 12.03 -38.42 -82.05
C GLU B 251 10.99 -39.53 -82.17
N ALA B 267 -0.93 -33.95 -78.70
CA ALA B 267 0.25 -34.70 -78.29
C ALA B 267 0.87 -34.09 -77.03
N LEU B 268 1.75 -33.11 -77.23
CA LEU B 268 2.43 -32.44 -76.13
C LEU B 268 2.26 -30.94 -76.26
N MET B 269 2.17 -30.26 -75.12
CA MET B 269 2.01 -28.81 -75.09
C MET B 269 2.70 -28.27 -73.84
N PHE B 270 3.47 -27.19 -74.02
CA PHE B 270 4.18 -26.58 -72.90
C PHE B 270 4.54 -25.15 -73.26
N ASN B 271 4.83 -24.37 -72.22
CA ASN B 271 5.19 -22.97 -72.42
C ASN B 271 6.48 -22.86 -73.22
N LEU B 272 6.48 -21.96 -74.21
CA LEU B 272 7.62 -21.80 -75.10
C LEU B 272 8.28 -20.44 -75.03
N GLN B 273 7.57 -19.41 -74.52
CA GLN B 273 8.14 -18.07 -74.46
C GLN B 273 9.33 -18.01 -73.53
N GLU B 274 9.25 -18.66 -72.37
CA GLU B 274 10.36 -18.64 -71.41
C GLU B 274 11.44 -19.62 -71.86
N PRO B 275 12.69 -19.18 -72.02
CA PRO B 275 13.75 -20.11 -72.42
C PRO B 275 14.03 -21.19 -71.41
N TYR B 276 13.64 -21.00 -70.14
CA TYR B 276 13.88 -22.03 -69.12
C TYR B 276 13.14 -23.32 -69.43
N PHE B 277 12.00 -23.23 -70.11
CA PHE B 277 11.20 -24.41 -70.44
C PHE B 277 11.62 -25.07 -71.75
N THR B 278 12.53 -24.46 -72.50
CA THR B 278 13.02 -25.02 -73.75
C THR B 278 14.51 -25.35 -73.74
N TRP B 279 15.24 -24.94 -72.70
CA TRP B 279 16.66 -25.26 -72.62
C TRP B 279 16.97 -26.76 -72.63
N PRO B 280 16.23 -27.64 -71.93
CA PRO B 280 16.61 -29.06 -71.92
C PRO B 280 16.78 -29.68 -73.29
N LEU B 281 15.93 -29.31 -74.26
CA LEU B 281 16.09 -29.85 -75.60
C LEU B 281 17.38 -29.37 -76.25
N ILE B 282 17.76 -28.11 -76.02
CA ILE B 282 18.96 -27.56 -76.65
C ILE B 282 20.20 -28.28 -76.15
N ALA B 283 20.29 -28.50 -74.85
CA ALA B 283 21.44 -29.18 -74.26
C ALA B 283 21.19 -30.68 -74.17
N GLY B 286 24.78 -30.60 -77.55
CA GLY B 286 25.94 -30.72 -76.68
C GLY B 286 26.46 -29.38 -76.19
N GLY B 287 25.65 -28.34 -76.36
CA GLY B 287 26.04 -27.02 -75.92
C GLY B 287 25.95 -26.85 -74.42
N TYR B 288 26.43 -25.70 -73.96
CA TYR B 288 26.44 -25.38 -72.53
C TYR B 288 26.52 -23.87 -72.38
N ALA B 289 26.26 -23.40 -71.16
CA ALA B 289 26.23 -21.96 -70.90
C ALA B 289 27.63 -21.39 -70.73
N PHE B 290 28.37 -21.86 -69.74
CA PHE B 290 29.71 -21.35 -69.48
C PHE B 290 30.70 -22.48 -69.22
N THR B 329 2.11 -20.05 -77.71
CA THR B 329 1.66 -20.75 -76.51
C THR B 329 2.26 -20.13 -75.26
N ASP B 330 1.46 -20.04 -74.21
CA ASP B 330 1.89 -19.48 -72.93
C ASP B 330 1.70 -20.51 -71.83
N TYR B 331 2.23 -20.18 -70.64
CA TYR B 331 2.11 -21.07 -69.50
C TYR B 331 0.64 -21.29 -69.12
N SER B 332 -0.14 -20.21 -69.09
CA SER B 332 -1.55 -20.33 -68.74
C SER B 332 -2.31 -21.17 -69.77
N ILE B 333 -2.02 -20.95 -71.06
CA ILE B 333 -2.72 -21.69 -72.11
C ILE B 333 -2.41 -23.18 -72.01
N ALA B 334 -1.14 -23.52 -71.81
CA ALA B 334 -0.76 -24.92 -71.68
C ALA B 334 -1.37 -25.55 -70.44
N GLU B 335 -1.36 -24.82 -69.31
CA GLU B 335 -1.94 -25.35 -68.09
C GLU B 335 -3.44 -25.59 -68.25
N ALA B 336 -4.15 -24.67 -68.89
CA ALA B 336 -5.58 -24.85 -69.14
C ALA B 336 -5.82 -26.03 -70.08
N ALA B 337 -4.99 -26.17 -71.13
CA ALA B 337 -5.16 -27.26 -72.07
C ALA B 337 -4.96 -28.61 -71.39
N PHE B 338 -3.93 -28.73 -70.54
CA PHE B 338 -3.68 -30.00 -69.87
C PHE B 338 -4.68 -30.26 -68.76
N ASN B 339 -5.21 -29.21 -68.13
CA ASN B 339 -6.17 -29.41 -67.05
C ASN B 339 -7.45 -30.06 -67.55
N LYS B 340 -7.83 -29.81 -68.79
CA LYS B 340 -9.02 -30.40 -69.38
C LYS B 340 -8.74 -31.72 -70.09
N GLY B 341 -7.50 -32.19 -70.07
CA GLY B 341 -7.15 -33.44 -70.74
C GLY B 341 -7.01 -33.35 -72.24
N GLU B 342 -6.98 -32.13 -72.80
CA GLU B 342 -6.84 -31.99 -74.25
C GLU B 342 -5.50 -32.53 -74.74
N THR B 343 -4.43 -32.23 -74.03
CA THR B 343 -3.09 -32.69 -74.39
C THR B 343 -2.65 -33.81 -73.43
N ALA B 344 -1.63 -34.56 -73.87
CA ALA B 344 -1.20 -35.75 -73.14
C ALA B 344 -0.06 -35.47 -72.17
N MET B 345 1.07 -35.00 -72.69
CA MET B 345 2.29 -34.85 -71.90
C MET B 345 2.70 -33.39 -71.83
N THR B 346 3.02 -32.92 -70.62
CA THR B 346 3.50 -31.56 -70.41
C THR B 346 4.73 -31.60 -69.50
N ILE B 347 5.72 -30.77 -69.81
CA ILE B 347 6.93 -30.67 -69.01
C ILE B 347 6.80 -29.48 -68.07
N ASN B 348 6.87 -29.74 -66.77
CA ASN B 348 6.68 -28.69 -65.78
C ASN B 348 7.30 -29.12 -64.46
N GLY B 349 7.48 -28.15 -63.57
CA GLY B 349 8.09 -28.41 -62.29
C GLY B 349 7.10 -28.97 -61.29
N PRO B 350 7.59 -29.22 -60.07
CA PRO B 350 6.69 -29.76 -59.03
C PRO B 350 5.55 -28.83 -58.66
N TRP B 351 5.73 -27.51 -58.78
CA TRP B 351 4.74 -26.56 -58.27
C TRP B 351 3.39 -26.72 -58.95
N ALA B 352 3.38 -27.22 -60.18
CA ALA B 352 2.12 -27.40 -60.91
C ALA B 352 1.36 -28.64 -60.49
N TRP B 353 1.97 -29.54 -59.72
CA TRP B 353 1.34 -30.82 -59.41
C TRP B 353 -0.02 -30.62 -58.74
N SER B 354 -0.10 -29.70 -57.78
CA SER B 354 -1.36 -29.46 -57.08
C SER B 354 -2.47 -29.12 -58.07
N ASN B 355 -2.16 -28.33 -59.09
CA ASN B 355 -3.17 -27.99 -60.09
C ASN B 355 -3.71 -29.24 -60.78
N ILE B 356 -2.81 -30.17 -61.12
CA ILE B 356 -3.26 -31.45 -61.68
C ILE B 356 -4.14 -32.18 -60.69
N ASP B 357 -3.79 -32.10 -59.40
CA ASP B 357 -4.64 -32.70 -58.37
C ASP B 357 -6.03 -32.07 -58.35
N THR B 358 -6.13 -30.79 -58.72
CA THR B 358 -7.43 -30.13 -58.81
C THR B 358 -8.15 -30.47 -60.11
N SER B 359 -7.45 -31.04 -61.09
CA SER B 359 -8.07 -31.38 -62.36
C SER B 359 -8.80 -32.72 -62.33
N LYS B 360 -8.63 -33.50 -61.27
CA LYS B 360 -9.27 -34.81 -61.13
C LYS B 360 -8.96 -35.73 -62.31
N VAL B 361 -7.73 -35.64 -62.83
CA VAL B 361 -7.28 -36.46 -63.94
C VAL B 361 -6.02 -37.20 -63.50
N ASN B 362 -5.99 -38.51 -63.74
CA ASN B 362 -4.84 -39.32 -63.39
C ASN B 362 -3.61 -38.85 -64.15
N TYR B 363 -2.48 -38.74 -63.44
CA TYR B 363 -1.24 -38.27 -64.03
C TYR B 363 -0.06 -38.93 -63.34
N GLY B 364 1.09 -38.91 -64.03
CA GLY B 364 2.29 -39.50 -63.48
C GLY B 364 3.52 -38.74 -63.97
N VAL B 365 4.56 -38.80 -63.14
CA VAL B 365 5.81 -38.10 -63.40
C VAL B 365 6.78 -39.05 -64.09
N THR B 366 7.72 -38.49 -64.84
CA THR B 366 8.62 -39.27 -65.66
C THR B 366 9.83 -38.42 -66.03
N VAL B 367 10.98 -39.09 -66.19
CA VAL B 367 12.18 -38.42 -66.65
C VAL B 367 12.01 -37.96 -68.10
N LEU B 368 12.62 -36.81 -68.42
CA LEU B 368 12.51 -36.26 -69.76
C LEU B 368 13.07 -37.24 -70.80
N PRO B 369 12.48 -37.28 -71.99
CA PRO B 369 12.96 -38.24 -73.00
C PRO B 369 14.31 -37.83 -73.56
N THR B 370 15.02 -38.84 -74.06
CA THR B 370 16.36 -38.63 -74.63
C THR B 370 16.25 -38.20 -76.09
N PHE B 371 17.23 -37.40 -76.52
CA PHE B 371 17.30 -36.89 -77.89
C PHE B 371 18.63 -37.29 -78.49
N LYS B 372 18.57 -38.01 -79.62
CA LYS B 372 19.76 -38.45 -80.36
C LYS B 372 20.70 -39.24 -79.46
N GLY B 373 20.13 -40.04 -78.56
CA GLY B 373 20.92 -40.85 -77.64
C GLY B 373 21.55 -40.08 -76.51
N GLN B 374 21.25 -38.80 -76.36
CA GLN B 374 21.81 -37.97 -75.30
C GLN B 374 20.69 -37.57 -74.34
N PRO B 375 20.77 -37.95 -73.06
CA PRO B 375 19.70 -37.58 -72.12
C PRO B 375 19.63 -36.07 -71.94
N SER B 376 18.42 -35.58 -71.75
CA SER B 376 18.21 -34.15 -71.52
C SER B 376 18.77 -33.76 -70.17
N LYS B 377 19.20 -32.49 -70.07
CA LYS B 377 19.82 -31.95 -68.86
C LYS B 377 19.11 -30.65 -68.48
N PRO B 378 17.92 -30.74 -67.89
CA PRO B 378 17.23 -29.53 -67.44
C PRO B 378 17.99 -28.86 -66.30
N PHE B 379 17.90 -27.54 -66.26
CA PHE B 379 18.56 -26.79 -65.21
C PHE B 379 17.91 -27.07 -63.86
N VAL B 380 18.72 -27.09 -62.82
CA VAL B 380 18.27 -27.37 -61.46
C VAL B 380 18.46 -26.12 -60.63
N GLY B 381 17.39 -25.66 -59.99
CA GLY B 381 17.46 -24.44 -59.20
C GLY B 381 17.34 -24.70 -57.71
N VAL B 382 17.83 -23.77 -56.91
CA VAL B 382 17.72 -23.86 -55.45
C VAL B 382 16.89 -22.67 -55.00
N LEU B 383 15.58 -22.87 -54.84
CA LEU B 383 14.72 -21.81 -54.33
C LEU B 383 15.18 -21.41 -52.94
N SER B 384 15.57 -20.15 -52.81
CA SER B 384 16.19 -19.63 -51.59
C SER B 384 15.69 -18.22 -51.33
N ALA B 385 15.83 -17.79 -50.08
CA ALA B 385 15.35 -16.50 -49.61
C ALA B 385 16.53 -15.68 -49.11
N GLY B 386 16.58 -14.42 -49.52
CA GLY B 386 17.64 -13.52 -49.12
C GLY B 386 17.09 -12.31 -48.40
N ILE B 387 17.89 -11.76 -47.49
CA ILE B 387 17.49 -10.62 -46.67
C ILE B 387 17.99 -9.34 -47.32
N ASN B 388 17.11 -8.36 -47.43
CA ASN B 388 17.48 -7.08 -48.02
C ASN B 388 18.46 -6.33 -47.12
N ALA B 389 19.40 -5.62 -47.73
CA ALA B 389 20.44 -4.95 -46.96
C ALA B 389 19.91 -3.71 -46.24
N ALA B 390 19.08 -2.92 -46.92
CA ALA B 390 18.57 -1.68 -46.36
C ALA B 390 17.37 -1.89 -45.45
N SER B 391 16.87 -3.12 -45.33
CA SER B 391 15.73 -3.39 -44.47
C SER B 391 16.12 -3.21 -43.01
N PRO B 392 15.36 -2.45 -42.22
CA PRO B 392 15.67 -2.28 -40.80
C PRO B 392 15.19 -3.42 -39.91
N ASN B 393 14.81 -4.55 -40.49
CA ASN B 393 14.34 -5.68 -39.69
C ASN B 393 15.22 -6.91 -39.92
N LYS B 394 16.53 -6.71 -39.89
CA LYS B 394 17.45 -7.82 -40.15
C LYS B 394 17.32 -8.90 -39.08
N GLU B 395 17.28 -8.49 -37.80
CA GLU B 395 17.18 -9.47 -36.72
C GLU B 395 15.86 -10.22 -36.78
N LEU B 396 14.76 -9.50 -37.01
CA LEU B 396 13.46 -10.15 -37.09
C LEU B 396 13.40 -11.12 -38.28
N ALA B 397 13.94 -10.72 -39.43
CA ALA B 397 13.95 -11.60 -40.59
C ALA B 397 14.79 -12.84 -40.32
N LYS B 398 15.96 -12.67 -39.70
CA LYS B 398 16.81 -13.82 -39.38
C LYS B 398 16.10 -14.78 -38.43
N GLU B 399 15.46 -14.24 -37.38
CA GLU B 399 14.76 -15.10 -36.43
C GLU B 399 13.61 -15.84 -37.11
N PHE B 400 12.83 -15.12 -37.93
CA PHE B 400 11.69 -15.75 -38.59
C PHE B 400 12.14 -16.84 -39.56
N LEU B 401 13.25 -16.60 -40.28
CA LEU B 401 13.70 -17.59 -41.25
C LEU B 401 14.31 -18.80 -40.57
N GLU B 402 15.12 -18.59 -39.53
CA GLU B 402 15.82 -19.70 -38.90
C GLU B 402 15.00 -20.47 -37.88
N ASN B 403 13.91 -19.89 -37.37
CA ASN B 403 13.14 -20.56 -36.32
C ASN B 403 11.78 -21.05 -36.78
N TYR B 404 11.15 -20.38 -37.75
CA TYR B 404 9.78 -20.69 -38.14
C TYR B 404 9.71 -21.42 -39.48
N LEU B 405 10.26 -20.83 -40.55
CA LEU B 405 10.13 -21.44 -41.87
C LEU B 405 10.96 -22.70 -41.98
N LEU B 406 12.19 -22.69 -41.47
CA LEU B 406 13.07 -23.85 -41.57
C LEU B 406 12.76 -24.87 -40.49
N THR B 407 11.50 -25.28 -40.40
CA THR B 407 11.06 -26.28 -39.44
C THR B 407 10.08 -27.22 -40.13
N ASP B 408 9.83 -28.36 -39.48
CA ASP B 408 8.94 -29.35 -40.06
C ASP B 408 7.52 -28.82 -40.21
N GLU B 409 7.03 -28.10 -39.19
CA GLU B 409 5.64 -27.63 -39.23
C GLU B 409 5.43 -26.60 -40.33
N GLY B 410 6.28 -25.58 -40.38
CA GLY B 410 6.10 -24.54 -41.38
C GLY B 410 6.32 -25.03 -42.79
N LEU B 411 7.36 -25.84 -43.00
CA LEU B 411 7.61 -26.38 -44.33
C LEU B 411 6.49 -27.32 -44.76
N GLU B 412 5.96 -28.11 -43.83
CA GLU B 412 4.81 -28.96 -44.15
C GLU B 412 3.60 -28.12 -44.52
N ALA B 413 3.36 -27.03 -43.79
CA ALA B 413 2.23 -26.16 -44.09
C ALA B 413 2.37 -25.54 -45.48
N VAL B 414 3.59 -25.11 -45.83
CA VAL B 414 3.81 -24.55 -47.16
C VAL B 414 3.63 -25.63 -48.23
N ASN B 415 4.18 -26.81 -48.01
CA ASN B 415 4.13 -27.88 -49.00
C ASN B 415 2.73 -28.44 -49.17
N LYS B 416 1.85 -28.26 -48.18
CA LYS B 416 0.48 -28.73 -48.32
C LYS B 416 -0.25 -28.03 -49.45
N ASP B 417 0.10 -26.77 -49.72
CA ASP B 417 -0.56 -26.02 -50.78
C ASP B 417 0.04 -26.35 -52.14
N LYS B 418 1.32 -26.07 -52.33
CA LYS B 418 2.00 -26.39 -53.58
C LYS B 418 3.37 -27.00 -53.26
N PRO B 419 3.65 -28.20 -53.76
CA PRO B 419 4.92 -28.85 -53.43
C PRO B 419 6.11 -28.04 -53.91
N LEU B 420 7.18 -28.05 -53.10
CA LEU B 420 8.40 -27.35 -53.46
C LEU B 420 9.40 -28.23 -54.19
N GLY B 421 9.35 -29.54 -53.97
CA GLY B 421 10.32 -30.44 -54.55
C GLY B 421 11.00 -31.27 -53.48
N ALA B 422 12.31 -31.10 -53.32
CA ALA B 422 13.08 -31.76 -52.27
C ALA B 422 13.48 -30.71 -51.25
N VAL B 423 12.92 -30.80 -50.04
CA VAL B 423 13.26 -29.85 -49.00
C VAL B 423 14.66 -30.10 -48.51
N ALA B 424 15.44 -29.03 -48.35
CA ALA B 424 16.82 -29.15 -47.88
C ALA B 424 16.89 -29.59 -46.42
N LEU B 425 15.79 -29.51 -45.67
CA LEU B 425 15.79 -29.96 -44.29
C LEU B 425 15.84 -31.48 -44.24
N LYS B 426 16.87 -32.02 -43.57
CA LYS B 426 17.11 -33.45 -43.58
C LYS B 426 15.94 -34.23 -42.98
N SER B 427 15.39 -33.72 -41.88
CA SER B 427 14.27 -34.41 -41.23
C SER B 427 13.07 -34.52 -42.16
N TYR B 428 12.74 -33.44 -42.87
CA TYR B 428 11.66 -33.50 -43.84
C TYR B 428 12.09 -34.18 -45.15
N GLU B 429 13.37 -34.08 -45.50
CA GLU B 429 13.85 -34.73 -46.72
C GLU B 429 13.71 -36.25 -46.63
N GLU B 430 14.04 -36.82 -45.48
CA GLU B 430 13.90 -38.26 -45.30
C GLU B 430 12.45 -38.71 -45.44
N GLU B 431 11.52 -37.94 -44.87
CA GLU B 431 10.10 -38.29 -44.98
C GLU B 431 9.60 -38.13 -46.41
N LEU B 432 10.03 -37.07 -47.10
CA LEU B 432 9.56 -36.83 -48.45
C LEU B 432 10.20 -37.75 -49.49
N ALA B 433 11.34 -38.37 -49.16
CA ALA B 433 11.99 -39.26 -50.12
C ALA B 433 11.17 -40.50 -50.42
N LYS B 434 10.16 -40.81 -49.60
CA LYS B 434 9.34 -41.99 -49.84
C LYS B 434 8.42 -41.83 -51.04
N ASP B 435 8.09 -40.61 -51.42
CA ASP B 435 7.20 -40.40 -52.56
C ASP B 435 7.94 -40.69 -53.86
N PRO B 436 7.39 -41.55 -54.73
CA PRO B 436 8.07 -41.84 -56.00
C PRO B 436 8.25 -40.61 -56.88
N ARG B 437 7.35 -39.63 -56.78
CA ARG B 437 7.48 -38.42 -57.59
C ARG B 437 8.76 -37.65 -57.23
N ILE B 438 9.08 -37.57 -55.95
CA ILE B 438 10.31 -36.90 -55.53
C ILE B 438 11.53 -37.64 -56.05
N ALA B 439 11.50 -38.97 -56.00
CA ALA B 439 12.63 -39.75 -56.53
C ALA B 439 12.80 -39.54 -58.03
N ALA B 440 11.69 -39.49 -58.77
CA ALA B 440 11.78 -39.24 -60.21
C ALA B 440 12.31 -37.84 -60.49
N THR B 441 11.86 -36.84 -59.71
CA THR B 441 12.37 -35.49 -59.89
C THR B 441 13.87 -35.42 -59.60
N MET B 442 14.32 -36.11 -58.54
CA MET B 442 15.75 -36.11 -58.24
C MET B 442 16.54 -36.83 -59.33
N GLU B 443 16.00 -37.92 -59.87
CA GLU B 443 16.67 -38.62 -60.96
C GLU B 443 16.79 -37.73 -62.19
N ASN B 444 15.74 -36.98 -62.52
CA ASN B 444 15.83 -36.04 -63.62
C ASN B 444 16.84 -34.93 -63.33
N ALA B 445 16.88 -34.46 -62.08
CA ALA B 445 17.80 -33.39 -61.72
C ALA B 445 19.25 -33.83 -61.83
N GLN B 446 19.55 -35.08 -61.44
CA GLN B 446 20.92 -35.57 -61.48
C GLN B 446 21.48 -35.56 -62.90
N LYS B 447 20.66 -35.88 -63.89
CA LYS B 447 21.10 -35.84 -65.28
C LYS B 447 21.37 -34.43 -65.76
N GLY B 448 20.90 -33.41 -65.03
CA GLY B 448 21.20 -32.03 -65.35
C GLY B 448 22.40 -31.50 -64.58
N GLU B 449 22.59 -30.19 -64.67
CA GLU B 449 23.70 -29.53 -64.01
C GLU B 449 23.19 -28.28 -63.30
N ILE B 450 23.74 -28.02 -62.11
CA ILE B 450 23.34 -26.84 -61.36
C ILE B 450 23.81 -25.59 -62.08
N MET B 451 22.89 -24.66 -62.30
CA MET B 451 23.20 -23.45 -63.05
C MET B 451 24.05 -22.50 -62.22
N PRO B 452 25.04 -21.84 -62.83
CA PRO B 452 25.93 -20.96 -62.06
C PRO B 452 25.23 -19.71 -61.59
N ASN B 453 25.90 -19.00 -60.68
CA ASN B 453 25.38 -17.78 -60.07
C ASN B 453 26.28 -16.57 -60.33
N ILE B 454 27.05 -16.60 -61.42
CA ILE B 454 27.94 -15.50 -61.76
C ILE B 454 27.10 -14.30 -62.18
N PRO B 455 27.62 -13.06 -62.03
CA PRO B 455 26.78 -11.89 -62.29
C PRO B 455 26.50 -11.61 -63.76
N GLN B 456 26.89 -12.54 -64.64
CA GLN B 456 26.66 -12.38 -66.07
C GLN B 456 25.36 -13.00 -66.54
N MET B 457 24.57 -13.58 -65.64
CA MET B 457 23.30 -14.19 -66.01
C MET B 457 22.15 -13.20 -66.12
N SER B 458 22.38 -11.94 -65.79
CA SER B 458 21.33 -10.93 -65.93
C SER B 458 20.95 -10.75 -67.39
N ALA B 459 21.94 -10.77 -68.30
CA ALA B 459 21.68 -10.60 -69.72
C ALA B 459 21.56 -11.92 -70.47
N PHE B 460 22.24 -12.97 -70.00
CA PHE B 460 22.23 -14.24 -70.72
C PHE B 460 20.82 -14.78 -70.85
N TRP B 461 20.07 -14.85 -69.75
CA TRP B 461 18.68 -15.29 -69.84
C TRP B 461 17.85 -14.37 -70.71
N TYR B 462 18.25 -13.10 -70.80
CA TYR B 462 17.64 -12.20 -71.77
C TYR B 462 18.12 -12.50 -73.19
N ALA B 463 19.42 -12.75 -73.34
CA ALA B 463 19.98 -12.98 -74.68
C ALA B 463 19.39 -14.22 -75.32
N VAL B 464 19.25 -15.31 -74.56
CA VAL B 464 18.58 -16.50 -75.07
C VAL B 464 17.10 -16.22 -75.29
N ARG B 465 16.53 -15.28 -74.54
CA ARG B 465 15.12 -14.95 -74.73
C ARG B 465 14.88 -14.33 -76.10
N THR B 466 15.78 -13.47 -76.55
CA THR B 466 15.65 -12.83 -77.86
C THR B 466 16.20 -13.72 -78.95
N VAL C 5 2.07 25.59 52.86
CA VAL C 5 0.64 25.34 52.93
C VAL C 5 0.19 25.32 54.40
N GLN C 6 1.16 25.20 55.30
CA GLN C 6 0.91 25.16 56.74
C GLN C 6 -0.07 24.04 57.09
N LEU C 7 0.34 22.82 56.78
CA LEU C 7 -0.48 21.63 57.00
C LEU C 7 -0.26 21.13 58.43
N VAL C 8 -1.34 21.00 59.19
CA VAL C 8 -1.26 20.76 60.62
C VAL C 8 -2.12 19.56 60.99
N GLU C 9 -1.60 18.72 61.88
CA GLU C 9 -2.30 17.55 62.39
C GLU C 9 -2.96 17.86 63.74
N SER C 10 -3.77 16.91 64.20
CA SER C 10 -4.44 17.01 65.49
C SER C 10 -4.98 15.63 65.87
N GLY C 11 -4.96 15.36 67.18
CA GLY C 11 -5.46 14.10 67.69
C GLY C 11 -4.43 13.31 68.47
N GLY C 12 -3.36 13.97 68.91
CA GLY C 12 -2.33 13.29 69.64
C GLY C 12 -2.74 12.93 71.06
N GLY C 13 -2.06 11.94 71.62
CA GLY C 13 -2.33 11.51 72.97
C GLY C 13 -1.87 10.08 73.19
N LEU C 14 -1.99 9.66 74.44
CA LEU C 14 -1.65 8.30 74.85
C LEU C 14 -2.91 7.59 75.31
N VAL C 15 -3.18 6.43 74.73
CA VAL C 15 -4.41 5.66 74.98
C VAL C 15 -4.04 4.21 75.29
N GLN C 16 -5.02 3.50 75.83
CA GLN C 16 -4.83 2.09 76.17
C GLN C 16 -5.01 1.22 74.93
N ALA C 17 -4.69 -0.06 75.11
CA ALA C 17 -4.79 -1.01 74.00
C ALA C 17 -6.24 -1.30 73.66
N GLY C 18 -6.47 -1.61 72.38
CA GLY C 18 -7.80 -1.96 71.91
C GLY C 18 -8.71 -0.79 71.60
N GLY C 19 -8.25 0.45 71.78
CA GLY C 19 -9.08 1.61 71.54
C GLY C 19 -9.07 2.04 70.09
N SER C 20 -9.90 3.04 69.81
CA SER C 20 -10.03 3.63 68.48
C SER C 20 -9.60 5.09 68.54
N LEU C 21 -8.76 5.50 67.60
CA LEU C 21 -8.22 6.86 67.56
C LEU C 21 -8.69 7.58 66.30
N ARG C 22 -9.05 8.84 66.45
CA ARG C 22 -9.50 9.69 65.34
C ARG C 22 -8.45 10.77 65.16
N LEU C 23 -7.73 10.73 64.05
CA LEU C 23 -6.67 11.68 63.74
C LEU C 23 -7.10 12.57 62.59
N SER C 24 -7.00 13.87 62.77
CA SER C 24 -7.36 14.84 61.74
C SER C 24 -6.11 15.53 61.22
N CYS C 25 -6.11 15.86 59.93
CA CYS C 25 -5.02 16.63 59.34
C CYS C 25 -5.61 17.59 58.33
N ALA C 26 -5.35 18.88 58.51
CA ALA C 26 -5.93 19.89 57.66
C ALA C 26 -4.89 20.93 57.24
N PRO C 27 -4.98 21.43 56.02
CA PRO C 27 -4.10 22.50 55.57
C PRO C 27 -4.74 23.88 55.77
N SER C 28 -3.96 24.91 55.50
CA SER C 28 -4.47 26.27 55.48
C SER C 28 -5.08 26.57 54.12
N GLY C 29 -5.95 27.58 54.08
CA GLY C 29 -6.62 27.92 52.84
C GLY C 29 -7.67 26.89 52.48
N ARG C 30 -7.96 26.79 51.19
CA ARG C 30 -8.97 25.88 50.65
C ARG C 30 -8.41 25.11 49.46
N THR C 31 -7.20 24.58 49.61
CA THR C 31 -6.54 23.82 48.55
C THR C 31 -6.59 22.32 48.80
N SER C 32 -7.35 21.87 49.79
CA SER C 32 -7.39 20.45 50.11
C SER C 32 -8.12 19.64 49.03
N SER C 33 -9.09 20.26 48.35
CA SER C 33 -9.87 19.55 47.34
C SER C 33 -9.06 19.23 46.08
N THR C 34 -7.91 19.85 45.88
CA THR C 34 -7.09 19.64 44.71
C THR C 34 -5.73 19.07 45.08
N TYR C 35 -5.71 18.13 46.02
CA TYR C 35 -4.47 17.52 46.47
C TYR C 35 -4.73 16.07 46.86
N THR C 36 -3.68 15.25 46.79
CA THR C 36 -3.72 13.90 47.34
C THR C 36 -2.98 13.89 48.68
N MET C 37 -3.45 13.03 49.58
CA MET C 37 -2.95 13.07 50.95
C MET C 37 -2.52 11.67 51.37
N GLY C 38 -1.63 11.62 52.34
CA GLY C 38 -1.11 10.34 52.81
C GLY C 38 -0.67 10.43 54.26
N TRP C 39 -0.74 9.29 54.94
CA TRP C 39 -0.32 9.16 56.33
C TRP C 39 0.87 8.22 56.40
N PHE C 40 1.97 8.72 56.99
CA PHE C 40 3.21 7.98 57.17
C PHE C 40 3.60 8.03 58.64
N ARG C 41 3.97 6.88 59.20
CA ARG C 41 4.32 6.81 60.62
C ARG C 41 5.77 6.41 60.79
N GLN C 42 6.39 6.95 61.83
CA GLN C 42 7.78 6.65 62.19
C GLN C 42 7.81 6.10 63.61
N ALA C 43 8.35 4.89 63.77
CA ALA C 43 8.47 4.28 65.07
C ALA C 43 9.62 4.93 65.86
N PRO C 44 9.59 4.81 67.19
CA PRO C 44 10.70 5.34 67.98
C PRO C 44 12.03 4.72 67.57
N GLY C 45 12.97 5.57 67.16
CA GLY C 45 14.25 5.10 66.67
C GLY C 45 14.16 4.30 65.39
N LYS C 46 13.35 4.76 64.44
CA LYS C 46 13.17 4.06 63.18
C LYS C 46 12.82 5.07 62.09
N GLU C 47 12.99 4.64 60.84
CA GLU C 47 12.70 5.49 59.70
C GLU C 47 11.21 5.49 59.40
N ARG C 48 10.81 6.28 58.42
CA ARG C 48 9.41 6.41 58.05
C ARG C 48 8.93 5.12 57.35
N GLU C 49 7.61 4.93 57.37
CA GLU C 49 6.99 3.77 56.75
C GLU C 49 5.64 4.17 56.18
N PHE C 50 5.18 3.39 55.21
CA PHE C 50 3.92 3.66 54.55
C PHE C 50 2.76 3.14 55.40
N VAL C 51 1.75 3.99 55.60
CA VAL C 51 0.56 3.61 56.35
C VAL C 51 -0.67 3.67 55.46
N ALA C 52 -0.97 4.85 54.92
CA ALA C 52 -2.17 4.96 54.10
C ALA C 52 -2.03 6.14 53.14
N ALA C 53 -2.90 6.17 52.14
CA ALA C 53 -2.92 7.30 51.20
C ALA C 53 -4.25 7.36 50.48
N ILE C 54 -4.83 8.55 50.39
CA ILE C 54 -6.09 8.76 49.67
C ILE C 54 -5.84 9.78 48.56
N SER C 55 -6.24 9.42 47.34
CA SER C 55 -6.05 10.26 46.18
C SER C 55 -7.16 11.32 46.10
N TRP C 56 -6.99 12.24 45.14
CA TRP C 56 -7.97 13.30 44.96
C TRP C 56 -9.32 12.75 44.50
N THR C 57 -9.29 11.69 43.68
CA THR C 57 -10.54 11.10 43.22
C THR C 57 -11.35 10.52 44.39
N GLY C 58 -10.69 9.84 45.31
CA GLY C 58 -11.36 9.31 46.48
C GLY C 58 -11.22 7.82 46.68
N THR C 59 -10.19 7.22 46.09
CA THR C 59 -9.95 5.80 46.23
C THR C 59 -8.84 5.56 47.25
N PRO C 60 -9.13 4.99 48.41
CA PRO C 60 -8.09 4.79 49.43
C PRO C 60 -7.13 3.67 49.06
N TYR C 61 -5.93 3.76 49.63
CA TYR C 61 -4.89 2.76 49.45
C TYR C 61 -4.23 2.50 50.80
N TYR C 62 -4.12 1.24 51.18
CA TYR C 62 -3.60 0.84 52.48
C TYR C 62 -2.31 0.04 52.32
N ALA C 63 -1.57 -0.07 53.40
CA ALA C 63 -0.32 -0.80 53.42
C ALA C 63 -0.56 -2.28 53.74
N ASP C 64 0.47 -3.09 53.50
CA ASP C 64 0.36 -4.52 53.73
C ASP C 64 0.16 -4.84 55.20
N SER C 65 0.87 -4.14 56.08
CA SER C 65 0.84 -4.41 57.51
C SER C 65 -0.25 -3.62 58.24
N VAL C 66 -1.11 -2.90 57.50
CA VAL C 66 -2.13 -2.06 58.11
C VAL C 66 -3.52 -2.34 57.56
N LYS C 67 -3.66 -3.28 56.63
CA LYS C 67 -4.96 -3.51 56.00
C LYS C 67 -5.93 -4.15 56.98
N GLY C 68 -7.19 -3.69 56.93
CA GLY C 68 -8.26 -4.25 57.71
C GLY C 68 -8.57 -3.53 59.01
N ARG C 69 -7.63 -2.73 59.51
CA ARG C 69 -7.81 -2.01 60.76
C ARG C 69 -8.00 -0.52 60.56
N PHE C 70 -7.25 0.09 59.65
CA PHE C 70 -7.35 1.52 59.42
C PHE C 70 -8.59 1.84 58.59
N THR C 71 -9.02 3.10 58.67
CA THR C 71 -10.07 3.60 57.80
C THR C 71 -9.81 5.08 57.52
N ILE C 72 -9.47 5.40 56.28
CA ILE C 72 -9.11 6.75 55.90
C ILE C 72 -10.23 7.37 55.10
N SER C 73 -10.47 8.66 55.31
CA SER C 73 -11.49 9.38 54.57
C SER C 73 -11.07 10.84 54.43
N ARG C 74 -11.71 11.54 53.50
CA ARG C 74 -11.43 12.94 53.27
C ARG C 74 -12.74 13.73 53.23
N ASP C 75 -12.65 15.00 53.58
CA ASP C 75 -13.81 15.89 53.61
C ASP C 75 -13.47 17.16 52.86
N ASN C 76 -14.10 17.36 51.70
CA ASN C 76 -13.89 18.59 50.95
C ASN C 76 -14.53 19.78 51.63
N ALA C 77 -15.73 19.59 52.19
CA ALA C 77 -16.38 20.68 52.92
C ALA C 77 -15.57 21.08 54.15
N LYS C 78 -15.12 20.09 54.92
CA LYS C 78 -14.20 20.36 56.01
C LYS C 78 -12.75 20.51 55.52
N ASN C 79 -12.46 20.02 54.31
CA ASN C 79 -11.14 20.14 53.70
C ASN C 79 -10.05 19.56 54.62
N THR C 80 -10.23 18.30 54.99
CA THR C 80 -9.27 17.65 55.88
C THR C 80 -9.36 16.15 55.71
N VAL C 81 -8.30 15.46 56.11
CA VAL C 81 -8.22 14.00 56.05
C VAL C 81 -8.36 13.45 57.46
N TYR C 82 -9.23 12.47 57.62
CA TYR C 82 -9.51 11.84 58.91
C TYR C 82 -9.14 10.36 58.83
N LEU C 83 -8.38 9.91 59.82
CA LEU C 83 -7.93 8.52 59.91
C LEU C 83 -8.50 7.91 61.19
N GLN C 84 -9.09 6.73 61.05
CA GLN C 84 -9.71 6.02 62.17
C GLN C 84 -8.96 4.72 62.42
N MET C 85 -8.58 4.50 63.66
CA MET C 85 -7.88 3.30 64.09
C MET C 85 -8.85 2.29 64.68
N ASN C 86 -8.56 1.00 64.46
CA ASN C 86 -9.34 -0.07 65.05
C ASN C 86 -8.39 -1.13 65.59
N SER C 87 -8.69 -1.62 66.80
CA SER C 87 -7.86 -2.63 67.46
C SER C 87 -6.42 -2.17 67.61
N LEU C 88 -6.25 -0.92 68.06
CA LEU C 88 -4.92 -0.36 68.24
C LEU C 88 -4.13 -1.15 69.26
N LYS C 89 -2.84 -1.30 69.03
CA LYS C 89 -1.95 -2.06 69.87
C LYS C 89 -0.68 -1.26 70.15
N PRO C 90 0.05 -1.61 71.21
CA PRO C 90 1.34 -0.93 71.46
C PRO C 90 2.31 -0.99 70.29
N GLU C 91 2.20 -2.01 69.44
CA GLU C 91 3.09 -2.10 68.28
C GLU C 91 2.89 -0.95 67.31
N ASP C 92 1.74 -0.26 67.37
CA ASP C 92 1.45 0.87 66.51
C ASP C 92 1.79 2.20 67.16
N THR C 93 2.43 2.20 68.32
CA THR C 93 2.87 3.44 68.96
C THR C 93 3.98 4.06 68.14
N ALA C 94 3.77 5.29 67.67
CA ALA C 94 4.72 5.94 66.78
C ALA C 94 4.30 7.40 66.61
N VAL C 95 5.07 8.14 65.82
CA VAL C 95 4.76 9.52 65.48
C VAL C 95 4.27 9.55 64.04
N TYR C 96 3.09 10.12 63.83
CA TYR C 96 2.42 10.10 62.54
C TYR C 96 2.49 11.47 61.89
N TYR C 97 2.83 11.50 60.60
CA TYR C 97 2.84 12.70 59.79
C TYR C 97 1.86 12.52 58.64
N CYS C 98 1.26 13.64 58.20
CA CYS C 98 0.42 13.67 57.03
C CYS C 98 1.08 14.52 55.97
N ALA C 99 1.15 14.00 54.75
CA ALA C 99 1.79 14.66 53.64
C ALA C 99 0.79 14.88 52.51
N ALA C 100 1.00 15.97 51.75
CA ALA C 100 0.14 16.32 50.64
C ALA C 100 0.98 16.47 49.38
N ALA C 101 0.40 16.06 48.25
CA ALA C 101 1.09 16.13 46.97
C ALA C 101 0.12 16.56 45.88
N ARG C 102 0.67 17.17 44.84
CA ARG C 102 -0.14 17.60 43.70
C ARG C 102 -0.56 16.37 42.89
N PRO C 103 -1.76 16.37 42.31
CA PRO C 103 -2.21 15.21 41.55
C PRO C 103 -1.43 15.02 40.26
N GLY C 104 -1.36 13.77 39.81
CA GLY C 104 -0.75 13.43 38.55
C GLY C 104 0.65 12.84 38.63
N LEU C 105 1.27 12.88 39.81
CA LEU C 105 2.64 12.38 39.91
C LEU C 105 2.71 10.86 39.87
N PHE C 106 1.78 10.19 40.55
CA PHE C 106 1.85 8.74 40.70
C PHE C 106 1.27 8.04 39.48
N ILE C 107 1.93 6.94 39.09
CA ILE C 107 1.46 6.12 37.98
C ILE C 107 1.15 4.68 38.39
N PHE C 108 1.70 4.20 39.50
CA PHE C 108 1.49 2.82 39.94
C PHE C 108 0.87 2.82 41.34
N VAL C 109 0.19 1.72 41.66
CA VAL C 109 -0.40 1.57 42.99
C VAL C 109 0.70 1.50 44.04
N SER C 110 1.80 0.81 43.73
CA SER C 110 2.92 0.74 44.66
C SER C 110 3.71 2.04 44.72
N ASP C 111 3.54 2.92 43.73
CA ASP C 111 4.28 4.19 43.73
C ASP C 111 3.89 5.08 44.90
N TYR C 112 2.76 4.81 45.56
CA TYR C 112 2.41 5.55 46.76
C TYR C 112 3.40 5.30 47.89
N ALA C 113 4.09 4.15 47.86
CA ALA C 113 5.04 3.82 48.91
C ALA C 113 6.24 4.75 48.92
N ARG C 114 6.60 5.32 47.78
CA ARG C 114 7.76 6.22 47.72
C ARG C 114 7.50 7.49 48.50
N THR C 115 8.49 7.91 49.28
CA THR C 115 8.40 9.14 50.07
C THR C 115 8.95 10.35 49.34
N ALA C 116 9.52 10.18 48.16
CA ALA C 116 10.10 11.30 47.43
C ALA C 116 9.04 12.17 46.77
N LYS C 117 7.92 11.57 46.34
CA LYS C 117 6.89 12.33 45.65
C LYS C 117 6.28 13.40 46.54
N TYR C 118 5.99 13.05 47.79
CA TYR C 118 5.41 14.02 48.73
C TYR C 118 6.41 15.12 49.05
N ASP C 119 5.90 16.33 49.22
CA ASP C 119 6.75 17.50 49.44
C ASP C 119 6.38 18.29 50.70
N TYR C 120 5.09 18.35 51.05
CA TYR C 120 4.62 19.16 52.17
C TYR C 120 4.36 18.24 53.35
N TRP C 121 5.20 18.33 54.38
CA TRP C 121 5.13 17.47 55.55
C TRP C 121 4.73 18.30 56.76
N GLY C 122 3.80 17.78 57.56
CA GLY C 122 3.32 18.49 58.73
C GLY C 122 4.19 18.28 59.95
N GLN C 123 3.70 18.79 61.08
CA GLN C 123 4.43 18.66 62.33
C GLN C 123 4.34 17.24 62.88
N GLY C 124 3.18 16.61 62.76
CA GLY C 124 2.99 15.26 63.23
C GLY C 124 2.53 15.19 64.67
N THR C 125 1.98 14.04 65.04
CA THR C 125 1.49 13.80 66.39
C THR C 125 1.96 12.43 66.86
N GLN C 126 2.34 12.34 68.14
CA GLN C 126 2.86 11.10 68.71
C GLN C 126 1.72 10.37 69.42
N VAL C 127 1.44 9.15 68.97
CA VAL C 127 0.42 8.30 69.56
C VAL C 127 1.11 7.15 70.26
N THR C 128 0.84 6.99 71.55
CA THR C 128 1.48 5.99 72.39
C THR C 128 0.44 5.08 73.02
N VAL C 129 0.80 3.80 73.16
CA VAL C 129 -0.06 2.81 73.80
C VAL C 129 0.75 2.08 74.86
N PRO C 130 0.88 2.65 76.07
CA PRO C 130 1.71 2.01 77.10
C PRO C 130 1.17 0.63 77.46
N PRO C 131 2.04 -0.34 77.69
CA PRO C 131 1.60 -1.67 78.09
C PRO C 131 1.58 -1.82 79.61
N LEU C 132 0.80 -2.81 80.06
CA LEU C 132 0.68 -3.08 81.48
C LEU C 132 2.00 -3.66 82.01
N VAL C 133 2.49 -3.09 83.12
CA VAL C 133 3.73 -3.53 83.74
C VAL C 133 3.44 -3.87 85.19
N ILE C 134 3.90 -5.04 85.63
CA ILE C 134 3.67 -5.53 86.98
C ILE C 134 4.99 -5.51 87.74
N TRP C 135 4.97 -4.93 88.94
CA TRP C 135 6.15 -4.83 89.78
C TRP C 135 6.08 -5.87 90.88
N ILE C 136 7.11 -6.71 90.99
CA ILE C 136 7.21 -7.73 92.02
C ILE C 136 8.54 -7.55 92.74
N ASN C 137 8.49 -7.57 94.07
CA ASN C 137 9.69 -7.36 94.86
C ASN C 137 10.66 -8.53 94.70
N GLY C 138 11.85 -8.36 95.28
CA GLY C 138 12.88 -9.38 95.16
C GLY C 138 12.65 -10.62 96.02
N ASP C 139 11.66 -10.58 96.91
CA ASP C 139 11.34 -11.72 97.76
C ASP C 139 10.26 -12.62 97.17
N LYS C 140 9.81 -12.35 95.95
CA LYS C 140 8.78 -13.13 95.30
C LYS C 140 9.35 -13.86 94.09
N GLY C 141 8.51 -14.70 93.49
CA GLY C 141 8.89 -15.50 92.34
C GLY C 141 8.78 -14.75 91.02
N TYR C 142 9.76 -13.88 90.74
CA TYR C 142 9.72 -13.08 89.53
C TYR C 142 9.72 -13.95 88.26
N ASN C 143 10.32 -15.13 88.33
CA ASN C 143 10.34 -16.00 87.15
C ASN C 143 8.94 -16.46 86.77
N GLY C 144 8.12 -16.81 87.76
CA GLY C 144 6.75 -17.20 87.48
C GLY C 144 5.94 -16.06 86.88
N LEU C 145 6.12 -14.84 87.40
CA LEU C 145 5.44 -13.69 86.84
C LEU C 145 5.88 -13.44 85.41
N ALA C 146 7.18 -13.60 85.14
CA ALA C 146 7.68 -13.44 83.77
C ALA C 146 7.06 -14.48 82.84
N GLU C 147 6.97 -15.73 83.29
CA GLU C 147 6.34 -16.77 82.47
C GLU C 147 4.87 -16.46 82.21
N VAL C 148 4.16 -16.00 83.23
CA VAL C 148 2.75 -15.65 83.06
C VAL C 148 2.60 -14.50 82.08
N GLY C 149 3.48 -13.50 82.18
CA GLY C 149 3.43 -12.38 81.24
C GLY C 149 3.72 -12.82 79.81
N LYS C 150 4.69 -13.72 79.64
CA LYS C 150 4.98 -14.24 78.31
C LYS C 150 3.78 -15.01 77.74
N LYS C 151 3.13 -15.81 78.58
CA LYS C 151 1.94 -16.52 78.12
C LYS C 151 0.82 -15.56 77.75
N PHE C 152 0.63 -14.51 78.55
CA PHE C 152 -0.39 -13.52 78.23
C PHE C 152 -0.08 -12.80 76.92
N GLU C 153 1.19 -12.44 76.71
CA GLU C 153 1.58 -11.79 75.46
C GLU C 153 1.36 -12.71 74.27
N LYS C 154 1.67 -14.00 74.42
CA LYS C 154 1.43 -14.94 73.33
C LYS C 154 -0.05 -15.09 73.05
N ASP C 155 -0.88 -15.10 74.10
CA ASP C 155 -2.31 -15.30 73.92
C ASP C 155 -2.98 -14.07 73.30
N THR C 156 -2.58 -12.88 73.74
CA THR C 156 -3.24 -11.65 73.32
C THR C 156 -2.37 -10.78 72.42
N GLY C 157 -1.17 -10.44 72.84
CA GLY C 157 -0.31 -9.57 72.06
C GLY C 157 0.00 -8.25 72.73
N ILE C 158 0.05 -8.26 74.06
CA ILE C 158 0.38 -7.07 74.85
C ILE C 158 1.64 -7.37 75.65
N LYS C 159 2.61 -6.45 75.58
CA LYS C 159 3.87 -6.67 76.27
C LYS C 159 3.69 -6.56 77.77
N VAL C 160 4.24 -7.52 78.50
CA VAL C 160 4.20 -7.53 79.96
C VAL C 160 5.59 -7.89 80.47
N THR C 161 6.13 -7.06 81.36
CA THR C 161 7.45 -7.27 81.93
C THR C 161 7.38 -7.14 83.45
N VAL C 162 8.23 -7.89 84.14
CA VAL C 162 8.30 -7.89 85.60
C VAL C 162 9.66 -7.35 86.00
N GLU C 163 9.68 -6.18 86.63
CA GLU C 163 10.91 -5.58 87.09
C GLU C 163 11.17 -5.97 88.55
N HIS C 164 12.33 -5.58 89.06
CA HIS C 164 12.72 -5.86 90.45
C HIS C 164 13.23 -4.57 91.09
N PRO C 165 12.34 -3.61 91.36
CA PRO C 165 12.77 -2.35 91.98
C PRO C 165 12.84 -2.49 93.49
N ASP C 166 14.03 -2.30 94.05
CA ASP C 166 14.22 -2.42 95.48
C ASP C 166 13.56 -1.25 96.21
N LYS C 167 13.23 -1.49 97.49
CA LYS C 167 12.57 -0.49 98.33
C LYS C 167 11.27 -0.01 97.72
N LEU C 168 10.40 -0.97 97.36
CA LEU C 168 9.13 -0.65 96.74
C LEU C 168 8.12 -0.07 97.71
N GLU C 169 8.40 -0.09 99.01
CA GLU C 169 7.44 0.43 99.99
C GLU C 169 7.21 1.92 99.81
N GLU C 170 8.29 2.68 99.58
CA GLU C 170 8.18 4.12 99.41
C GLU C 170 8.40 4.60 97.99
N LYS C 171 9.06 3.79 97.15
CA LYS C 171 9.29 4.21 95.77
C LYS C 171 7.98 4.31 95.00
N PHE C 172 7.06 3.36 95.20
CA PHE C 172 5.80 3.37 94.46
C PHE C 172 4.94 4.61 94.76
N PRO C 173 4.71 5.01 96.02
CA PRO C 173 3.89 6.22 96.20
C PRO C 173 4.68 7.49 95.92
N PRO C 182 3.50 1.89 87.74
CA PRO C 182 3.23 0.52 87.29
C PRO C 182 1.74 0.29 87.02
N ASP C 183 1.35 -0.97 86.83
CA ASP C 183 -0.04 -1.33 86.60
C ASP C 183 -0.59 -2.23 87.69
N ILE C 184 0.12 -3.28 88.05
CA ILE C 184 -0.28 -4.19 89.12
C ILE C 184 0.82 -4.18 90.17
N ILE C 185 0.48 -3.77 91.39
CA ILE C 185 1.43 -3.68 92.49
C ILE C 185 1.22 -4.88 93.39
N PHE C 186 2.28 -5.68 93.57
CA PHE C 186 2.23 -6.89 94.37
C PHE C 186 2.92 -6.63 95.69
N TRP C 187 2.19 -6.82 96.79
CA TRP C 187 2.76 -6.52 98.11
C TRP C 187 1.87 -7.13 99.19
N ALA C 188 2.34 -7.08 100.43
CA ALA C 188 1.57 -7.59 101.55
C ALA C 188 0.37 -6.70 101.82
N HIS C 189 -0.63 -7.28 102.50
CA HIS C 189 -1.86 -6.56 102.80
C HIS C 189 -1.68 -5.44 103.81
N ASP C 190 -0.54 -5.41 104.51
CA ASP C 190 -0.33 -4.38 105.53
C ASP C 190 -0.27 -2.99 104.91
N ARG C 191 0.46 -2.85 103.80
CA ARG C 191 0.60 -1.53 103.18
C ARG C 191 -0.72 -1.03 102.61
N PHE C 192 -1.51 -1.91 101.99
CA PHE C 192 -2.77 -1.52 101.39
C PHE C 192 -3.79 -1.10 102.45
N ILE C 229 -8.88 -3.18 98.39
CA ILE C 229 -8.93 -2.81 96.98
C ILE C 229 -7.88 -3.60 96.18
N ALA C 230 -7.80 -4.89 96.46
CA ALA C 230 -6.83 -5.74 95.79
C ALA C 230 -7.30 -7.18 95.84
N TYR C 231 -6.75 -8.00 94.94
CA TYR C 231 -7.07 -9.42 94.87
C TYR C 231 -5.98 -10.20 95.58
N PRO C 232 -6.30 -10.95 96.64
CA PRO C 232 -5.31 -11.85 97.23
C PRO C 232 -4.87 -12.91 96.23
N ILE C 233 -3.59 -13.27 96.29
CA ILE C 233 -3.00 -14.32 95.47
C ILE C 233 -2.34 -15.40 96.32
N ALA C 234 -1.55 -14.99 97.31
CA ALA C 234 -0.87 -15.91 98.21
C ALA C 234 -1.01 -15.41 99.64
N VAL C 235 -0.87 -16.34 100.57
CA VAL C 235 -1.01 -16.05 102.00
C VAL C 235 0.32 -16.35 102.69
N GLU C 236 0.79 -15.40 103.48
CA GLU C 236 2.05 -15.56 104.20
C GLU C 236 1.81 -15.88 105.67
N GLY C 385 1.13 -12.90 106.72
CA GLY C 385 0.66 -11.83 105.85
C GLY C 385 -0.20 -12.33 104.70
N VAL C 386 -0.60 -11.41 103.84
CA VAL C 386 -1.45 -11.72 102.68
C VAL C 386 -0.84 -11.02 101.48
N LEU C 387 -0.06 -11.76 100.69
CA LEU C 387 0.55 -11.20 99.49
C LEU C 387 -0.51 -11.05 98.42
N SER C 388 -0.96 -9.81 98.19
CA SER C 388 -2.03 -9.52 97.25
C SER C 388 -1.56 -8.59 96.16
N ALA C 389 -2.31 -8.58 95.06
CA ALA C 389 -2.02 -7.74 93.92
C ALA C 389 -3.12 -6.69 93.78
N GLY C 390 -2.73 -5.43 93.73
CA GLY C 390 -3.66 -4.33 93.56
C GLY C 390 -3.50 -3.68 92.21
N ILE C 391 -4.58 -3.11 91.69
CA ILE C 391 -4.58 -2.42 90.41
C ILE C 391 -4.56 -0.92 90.69
N ASN C 392 -3.46 -0.27 90.33
CA ASN C 392 -3.34 1.17 90.56
C ASN C 392 -4.23 1.94 89.60
N ALA C 393 -4.78 3.05 90.08
CA ALA C 393 -5.65 3.88 89.25
C ALA C 393 -4.88 4.62 88.17
N ALA C 394 -3.56 4.76 88.32
CA ALA C 394 -2.77 5.48 87.33
C ALA C 394 -2.56 4.67 86.04
N SER C 395 -2.68 3.36 86.12
CA SER C 395 -2.47 2.52 84.93
C SER C 395 -3.62 2.74 83.94
N PRO C 396 -3.33 2.93 82.66
CA PRO C 396 -4.43 3.12 81.70
C PRO C 396 -5.16 1.83 81.39
N ASN C 397 -4.46 0.71 81.26
CA ASN C 397 -5.07 -0.56 80.88
C ASN C 397 -5.57 -1.30 82.13
N LYS C 398 -6.52 -0.67 82.81
CA LYS C 398 -7.12 -1.28 84.00
C LYS C 398 -7.90 -2.55 83.63
N GLU C 399 -8.64 -2.51 82.52
CA GLU C 399 -9.40 -3.68 82.10
C GLU C 399 -8.47 -4.83 81.71
N LEU C 400 -7.40 -4.53 80.97
CA LEU C 400 -6.44 -5.56 80.61
C LEU C 400 -5.76 -6.15 81.84
N ALA C 401 -5.42 -5.30 82.81
CA ALA C 401 -4.82 -5.78 84.05
C ALA C 401 -5.78 -6.68 84.81
N LYS C 402 -7.05 -6.30 84.88
CA LYS C 402 -8.04 -7.14 85.54
C LYS C 402 -8.20 -8.48 84.83
N GLU C 403 -8.22 -8.46 83.50
CA GLU C 403 -8.33 -9.70 82.74
C GLU C 403 -7.13 -10.61 82.98
N PHE C 404 -5.93 -10.03 83.01
CA PHE C 404 -4.74 -10.82 83.30
C PHE C 404 -4.77 -11.39 84.72
N LEU C 405 -5.25 -10.59 85.68
CA LEU C 405 -5.27 -11.04 87.06
C LEU C 405 -6.32 -12.12 87.30
N GLU C 406 -7.43 -12.08 86.58
CA GLU C 406 -8.51 -13.04 86.82
C GLU C 406 -8.39 -14.29 85.96
N ASN C 407 -8.11 -14.14 84.67
CA ASN C 407 -8.15 -15.27 83.75
C ASN C 407 -7.01 -16.25 84.01
N TYR C 408 -5.78 -15.74 84.12
CA TYR C 408 -4.60 -16.60 84.12
C TYR C 408 -3.71 -16.47 85.35
N LEU C 409 -3.86 -15.42 86.15
CA LEU C 409 -2.97 -15.22 87.29
C LEU C 409 -3.28 -16.22 88.40
N LEU C 410 -4.50 -16.18 88.93
CA LEU C 410 -4.88 -17.05 90.05
C LEU C 410 -5.34 -18.41 89.50
N THR C 411 -4.38 -19.13 88.93
CA THR C 411 -4.65 -20.45 88.36
C THR C 411 -3.38 -21.29 88.31
C1 GLC D . 10.11 -20.54 -61.64
C2 GLC D . 11.53 -20.92 -61.28
C3 GLC D . 12.51 -19.88 -61.81
C4 GLC D . 12.27 -19.66 -63.29
C5 GLC D . 10.81 -19.33 -63.55
C6 GLC D . 10.54 -19.13 -65.03
O1 GLC D . 9.77 -19.31 -60.99
O2 GLC D . 11.67 -21.02 -59.85
O3 GLC D . 13.85 -20.35 -61.60
O4 GLC D . 13.10 -18.57 -63.74
O5 GLC D . 10.00 -20.39 -63.06
O6 GLC D . 9.24 -18.56 -65.20
C1 GLC D . 14.13 -19.09 -64.61
C2 GLC D . 15.48 -18.57 -64.12
C3 GLC D . 15.62 -17.06 -64.36
C4 GLC D . 15.24 -16.70 -65.79
C5 GLC D . 13.86 -17.28 -66.11
C6 GLC D . 13.44 -16.91 -67.53
O2 GLC D . 15.62 -18.82 -62.72
O3 GLC D . 16.97 -16.68 -64.11
O4 GLC D . 15.21 -15.28 -65.93
O5 GLC D . 13.91 -18.69 -65.96
O6 GLC D . 12.06 -17.27 -67.72
PG GTP E . -13.08 13.38 10.07
O1G GTP E . -12.53 13.55 8.68
O2G GTP E . -12.04 12.92 11.06
O3G GTP E . -14.33 12.55 10.11
O3B GTP E . -13.53 14.86 10.54
PB GTP E . -14.55 15.89 9.88
O1B GTP E . -14.11 16.15 8.48
O2B GTP E . -15.94 15.40 10.13
O3A GTP E . -14.32 17.21 10.75
PA GTP E . -14.89 17.71 12.16
O1A GTP E . -14.33 19.07 12.44
O2A GTP E . -16.38 17.54 12.16
O5' GTP E . -14.24 16.66 13.18
C5' GTP E . -12.85 16.83 13.57
C4' GTP E . -12.47 15.73 14.52
O4' GTP E . -13.48 15.61 15.55
C3' GTP E . -12.34 14.33 13.91
O3' GTP E . -11.33 13.59 14.59
C2' GTP E . -13.69 13.72 14.25
O2' GTP E . -13.74 12.30 14.19
C1' GTP E . -13.86 14.26 15.66
N9 GTP E . -15.24 14.21 16.15
C8 GTP E . -16.38 14.42 15.43
N7 GTP E . -17.47 14.31 16.13
C5 GTP E . -17.03 13.99 17.41
C6 GTP E . -17.76 13.74 18.59
O6 GTP E . -18.99 13.75 18.75
N1 GTP E . -16.91 13.44 19.66
C2 GTP E . -15.55 13.40 19.60
N2 GTP E . -14.90 13.10 20.74
N3 GTP E . -14.85 13.63 18.49
C4 GTP E . -15.65 13.93 17.44
OA2 CDL F . -8.10 28.10 -1.90
PA1 CDL F . -7.93 26.63 -1.28
OA3 CDL F . -7.09 25.82 -2.21
OA4 CDL F . -9.30 26.14 -0.87
OA5 CDL F . -7.09 26.91 0.06
CA3 CDL F . -5.76 27.51 -0.05
CA4 CDL F . -5.13 27.59 1.33
OA6 CDL F . -5.84 28.50 2.22
CA5 CDL F . -5.90 29.81 1.93
OA7 CDL F . -5.41 30.33 0.96
C11 CDL F . -6.64 30.57 2.99
C12 CDL F . -6.03 30.44 4.35
C13 CDL F . -6.78 31.23 5.40
C14 CDL F . -6.19 31.13 6.79
C15 CDL F . -6.93 31.93 7.84
CA6 CDL F . -3.66 27.92 1.29
OA8 CDL F . -2.98 26.89 0.53
CA7 CDL F . -2.25 26.00 1.20
OA9 CDL F . -1.74 25.05 0.68
C31 CDL F . -2.09 26.34 2.66
C32 CDL F . -0.65 26.44 3.08
C33 CDL F . -0.46 26.20 4.57
C34 CDL F . -1.11 27.22 5.46
C35 CDL F . -0.99 26.90 6.94
C36 CDL F . 0.43 26.69 7.41
C37 CDL F . 0.54 26.30 8.86
C1 CDL G . -0.70 1.01 7.54
O1 CDL G . -0.02 0.37 8.62
CA2 CDL G . 0.31 1.63 6.61
OA2 CDL G . 1.00 2.75 7.24
PA1 CDL G . 2.20 2.48 8.29
OA3 CDL G . 2.80 3.80 8.66
OA4 CDL G . 3.07 1.38 7.72
OA5 CDL G . 1.44 1.90 9.58
CB2 CDL G . -1.69 2.01 8.11
OB2 CDL G . -2.56 2.54 7.07
PB2 CDL G . -3.62 1.56 6.35
OB3 CDL G . -4.88 2.35 6.09
OB4 CDL G . -2.92 0.87 5.21
OB5 CDL G . -3.89 0.48 7.50
CB3 CDL G . -4.97 -0.49 7.35
CB4 CDL G . -4.73 -1.55 8.41
OB6 CDL G . -5.96 -2.06 8.98
CB5 CDL G . -6.81 -2.78 8.21
OB7 CDL G . -6.64 -2.98 7.03
C51 CDL G . -7.92 -3.35 9.02
C52 CDL G . -7.49 -4.48 9.90
C53 CDL G . -8.47 -4.78 11.04
C54 CDL G . -8.57 -3.67 12.05
C55 CDL G . -9.36 -4.03 13.29
C56 CDL G . -10.80 -4.39 13.03
C57 CDL G . -11.58 -4.74 14.27
C58 CDL G . -13.02 -5.09 14.03
CB6 CDL G . -3.77 -1.09 9.49
OB8 CDL G . -3.78 -2.03 10.59
CB7 CDL G . -4.67 -1.81 11.55
OB9 CDL G . -5.47 -0.90 11.51
C71 CDL G . -4.52 -2.78 12.68
C72 CDL G . -3.17 -2.75 13.31
C73 CDL G . -2.77 -1.35 13.77
C74 CDL G . -3.71 -0.73 14.77
C1 CDL H . -31.15 8.70 0.18
O1 CDL H . -32.15 9.58 -0.35
CA2 CDL H . -31.75 7.87 1.28
OA2 CDL H . -30.71 7.02 1.84
PA1 CDL H . -31.08 5.97 3.01
OA3 CDL H . -32.01 4.94 2.43
OA4 CDL H . -31.52 6.80 4.19
OA5 CDL H . -29.67 5.28 3.32
CA3 CDL H . -29.60 4.18 4.27
CA4 CDL H . -29.36 4.66 5.68
OA6 CDL H . -30.54 5.35 6.19
CA6 CDL H . -28.16 5.58 5.81
OA8 CDL H . -26.98 4.86 5.35
CA7 CDL H . -26.47 3.97 6.18
OA9 CDL H . -26.90 3.75 7.29
C31 CDL H . -25.28 3.28 5.57
C32 CDL H . -24.65 2.25 6.47
C33 CDL H . -23.46 1.57 5.82
CB2 CDL H . -29.93 9.50 0.59
OB2 CDL H . -30.30 10.62 1.43
PB2 CDL H . -29.13 11.49 2.10
OB3 CDL H . -28.15 11.88 1.03
OB4 CDL H . -28.66 10.78 3.33
OB5 CDL H . -29.87 12.84 2.56
CB3 CDL H . -30.51 13.68 1.56
CB4 CDL H . -31.10 14.90 2.24
OB6 CDL H . -31.85 14.42 3.37
CB5 CDL H . -31.89 15.19 4.48
OB7 CDL H . -31.33 16.25 4.54
C51 CDL H . -32.68 14.57 5.60
C52 CDL H . -32.68 15.38 6.85
C53 CDL H . -33.45 14.73 7.98
CB6 CDL H . -32.03 15.67 1.32
OB8 CDL H . -32.63 16.77 2.04
CB7 CDL H . -31.92 17.90 2.11
OB9 CDL H . -30.84 18.04 1.61
C71 CDL H . -32.64 18.94 2.90
C72 CDL H . -31.86 20.20 3.10
C73 CDL H . -32.55 21.16 4.05
C74 CDL H . -31.73 22.37 4.43
C75 CDL H . -32.30 23.18 5.56
C76 CDL H . -31.40 24.28 6.05
C77 CDL H . -31.85 24.93 7.34
C78 CDL H . -30.88 25.96 7.89
C79 CDL H . -31.30 26.56 9.20
C80 CDL H . -30.35 27.60 9.73
#